data_6DWC
#
_entry.id   6DWC
#
_cell.length_a   64.360
_cell.length_b   109.670
_cell.length_c   156.750
_cell.angle_alpha   90.00
_cell.angle_beta   90.00
_cell.angle_gamma   90.00
#
_symmetry.space_group_name_H-M   'P 21 21 21'
#
loop_
_entity.id
_entity.type
_entity.pdbx_description
1 polymer '4497 Fab Light Chain'
2 polymer '4497 Fab Heavy Chain'
3 non-polymer 'ACETATE ION'
4 non-polymer GLYCEROL
5 water water
#
loop_
_entity_poly.entity_id
_entity_poly.type
_entity_poly.pdbx_seq_one_letter_code
_entity_poly.pdbx_strand_id
1 'polypeptide(L)'
;MGWSCIILFLVATATGVHSDIQLTQSPDSLAVSLGERATINCKSSQSIFRTSRNKNLLNWYQQRPGQPPRLLIHWASTRK
SGVPDRFSGSGFGTDFTLTITSLQAEDVAIYYCQQYFSPPYTFGQGTKLEIKRTVAAPSVFIFPPSDEQLKSGTASVVCL
LNNFYPREAKVQWKVDNALQSGNSQESVTEQDSKDSTYSLSSTLTLSKADYEKHKVYACEVTHQGLSSPVTKSFNRGEC
;
A,L
2 'polypeptide(L)'
;MGWSCIILFLVATATGVHSEVQLVESGGGLVQPGGSLRLSCSASGFSFNSFWMHWVRQVPGKGLVWISFTNNEGTTTAYA
DSVRGRFIISRDNAKNTLYLEMNNLRGEDTAVYYCARGDGGLDDWGQGTLVTVSSASTKGPSVFPLAPSSKSTSGGTAAL
GCLVKDYFPEPVTVSWNSGALTSGVHTFPAVLQSSGLYSLSSVVTVPSSSLGTQTYICNVNHKPSNTKVDKKVEPKSCDK
THT
;
B,H
#
# COMPACT_ATOMS: atom_id res chain seq x y z
N ASP A 20 -29.73 14.82 14.74
CA ASP A 20 -28.55 15.51 14.22
C ASP A 20 -28.06 14.91 12.88
N ILE A 21 -26.93 15.42 12.34
CA ILE A 21 -26.36 14.91 11.07
C ILE A 21 -25.33 13.80 11.34
N GLN A 22 -25.50 12.63 10.70
CA GLN A 22 -24.60 11.49 10.80
C GLN A 22 -23.68 11.41 9.57
N LEU A 23 -22.37 11.27 9.83
CA LEU A 23 -21.32 11.13 8.81
C LEU A 23 -20.74 9.72 8.85
N THR A 24 -20.89 8.98 7.73
CA THR A 24 -20.42 7.59 7.61
C THR A 24 -19.26 7.49 6.61
N GLN A 25 -18.13 7.05 7.14
CA GLN A 25 -16.91 6.87 6.37
C GLN A 25 -16.79 5.46 5.93
N SER A 26 -16.16 5.25 4.76
CA SER A 26 -15.87 3.92 4.26
C SER A 26 -14.60 3.93 3.48
N PRO A 27 -13.72 2.94 3.70
CA PRO A 27 -13.83 1.85 4.69
C PRO A 27 -13.41 2.33 6.10
N ASP A 28 -13.52 1.49 7.12
CA ASP A 28 -13.06 1.86 8.47
C ASP A 28 -11.51 1.85 8.50
N SER A 29 -10.91 0.93 7.73
CA SER A 29 -9.46 0.82 7.64
C SER A 29 -9.07 0.53 6.20
N LEU A 30 -7.90 1.00 5.80
CA LEU A 30 -7.44 0.88 4.43
C LEU A 30 -5.92 0.73 4.37
N ALA A 31 -5.45 -0.24 3.56
CA ALA A 31 -4.03 -0.49 3.28
C ALA A 31 -3.83 -0.27 1.78
N VAL A 32 -2.99 0.71 1.47
CA VAL A 32 -2.65 1.13 0.12
C VAL A 32 -1.14 1.21 0.08
N SER A 33 -0.55 0.78 -1.05
CA SER A 33 0.89 0.77 -1.28
C SER A 33 1.44 2.15 -1.48
N LEU A 34 2.74 2.35 -1.13
CA LEU A 34 3.45 3.62 -1.34
C LEU A 34 3.39 4.00 -2.83
N GLY A 35 3.16 5.28 -3.12
CA GLY A 35 3.08 5.81 -4.49
C GLY A 35 1.75 5.59 -5.15
N GLU A 36 0.88 4.77 -4.54
CA GLU A 36 -0.45 4.49 -5.09
C GLU A 36 -1.45 5.55 -4.60
N ARG A 37 -2.71 5.42 -5.01
CA ARG A 37 -3.79 6.30 -4.67
C ARG A 37 -4.74 5.71 -3.63
N ALA A 38 -5.13 6.52 -2.61
CA ALA A 38 -6.10 6.13 -1.57
C ALA A 38 -7.43 6.87 -1.81
N THR A 39 -8.55 6.17 -1.70
CA THR A 39 -9.90 6.73 -1.93
C THR A 39 -10.69 6.47 -0.69
N ILE A 40 -11.16 7.54 -0.05
CA ILE A 40 -11.91 7.44 1.22
C ILE A 40 -13.23 8.15 1.06
N ASN A 41 -14.33 7.43 1.35
CA ASN A 41 -15.67 7.99 1.24
C ASN A 41 -16.20 8.54 2.56
N CYS A 42 -17.06 9.54 2.43
CA CYS A 42 -17.78 10.15 3.54
C CYS A 42 -19.19 10.45 3.05
N LYS A 43 -20.17 9.79 3.67
CA LYS A 43 -21.58 10.01 3.35
C LYS A 43 -22.31 10.71 4.51
N SER A 44 -23.02 11.81 4.22
CA SER A 44 -23.81 12.53 5.23
C SER A 44 -25.27 12.05 5.16
N SER A 45 -25.96 11.99 6.32
CA SER A 45 -27.37 11.58 6.43
C SER A 45 -28.33 12.60 5.76
N GLN A 46 -27.83 13.83 5.46
CA GLN A 46 -28.58 14.90 4.82
C GLN A 46 -27.68 15.89 4.07
N SER A 47 -28.27 16.77 3.24
CA SER A 47 -27.55 17.79 2.48
C SER A 47 -26.85 18.76 3.41
N ILE A 48 -25.62 19.12 3.06
CA ILE A 48 -24.79 20.05 3.81
C ILE A 48 -24.38 21.20 2.90
N PHE A 49 -25.14 21.34 1.80
CA PHE A 49 -24.97 22.40 0.82
C PHE A 49 -25.67 23.68 1.30
N ARG A 50 -24.88 24.75 1.46
CA ARG A 50 -25.36 26.07 1.83
C ARG A 50 -25.55 26.85 0.51
N THR A 51 -26.82 27.04 0.08
CA THR A 51 -27.22 27.72 -1.17
C THR A 51 -26.51 29.07 -1.30
N SER A 52 -26.54 29.91 -0.23
CA SER A 52 -25.78 31.16 -0.17
C SER A 52 -24.32 30.70 0.03
N ARG A 53 -23.37 31.32 -0.69
CA ARG A 53 -21.94 30.92 -0.70
C ARG A 53 -21.68 29.75 -1.69
N ASN A 54 -22.74 28.99 -2.09
CA ASN A 54 -22.70 27.89 -3.08
C ASN A 54 -21.59 26.84 -2.73
N LYS A 55 -21.58 26.41 -1.44
CA LYS A 55 -20.59 25.50 -0.88
C LYS A 55 -21.19 24.36 -0.10
N ASN A 56 -20.54 23.18 -0.18
CA ASN A 56 -20.87 22.00 0.62
C ASN A 56 -19.97 22.15 1.83
N LEU A 57 -20.54 22.18 3.04
CA LEU A 57 -19.74 22.41 4.24
C LEU A 57 -19.14 21.12 4.82
N LEU A 58 -18.16 20.55 4.07
CA LEU A 58 -17.44 19.35 4.46
C LEU A 58 -15.95 19.59 4.65
N ASN A 59 -15.43 19.11 5.78
CA ASN A 59 -14.01 19.19 6.12
C ASN A 59 -13.38 17.79 6.13
N TRP A 60 -12.06 17.74 5.91
CA TRP A 60 -11.22 16.56 5.98
C TRP A 60 -10.03 16.91 6.84
N TYR A 61 -9.74 16.03 7.80
CA TYR A 61 -8.64 16.15 8.76
C TYR A 61 -7.81 14.90 8.67
N GLN A 62 -6.52 15.04 9.01
CA GLN A 62 -5.54 14.00 9.07
C GLN A 62 -5.04 13.99 10.53
N GLN A 63 -5.07 12.83 11.20
CA GLN A 63 -4.50 12.77 12.54
C GLN A 63 -3.42 11.73 12.54
N ARG A 64 -2.18 12.20 12.48
CA ARG A 64 -0.98 11.37 12.47
C ARG A 64 -0.73 10.76 13.85
N PRO A 65 -0.01 9.60 13.91
CA PRO A 65 0.24 8.95 15.21
C PRO A 65 0.85 9.91 16.26
N GLY A 66 0.18 9.98 17.42
CA GLY A 66 0.55 10.82 18.56
C GLY A 66 0.58 12.31 18.27
N GLN A 67 -0.35 12.80 17.41
CA GLN A 67 -0.39 14.20 17.03
C GLN A 67 -1.80 14.82 17.04
N PRO A 68 -1.93 16.16 17.19
CA PRO A 68 -3.26 16.76 17.05
C PRO A 68 -3.78 16.65 15.60
N PRO A 69 -5.11 16.66 15.37
CA PRO A 69 -5.62 16.62 13.99
C PRO A 69 -5.23 17.87 13.17
N ARG A 70 -5.07 17.69 11.86
CA ARG A 70 -4.67 18.74 10.92
C ARG A 70 -5.76 18.89 9.91
N LEU A 71 -6.20 20.13 9.67
CA LEU A 71 -7.17 20.43 8.63
C LEU A 71 -6.50 20.25 7.26
N LEU A 72 -7.11 19.48 6.38
CA LEU A 72 -6.57 19.30 5.04
C LEU A 72 -7.44 20.07 4.06
N ILE A 73 -8.75 19.83 4.12
CA ILE A 73 -9.72 20.38 3.19
C ILE A 73 -10.94 20.95 3.91
N HIS A 74 -11.42 22.13 3.46
CA HIS A 74 -12.68 22.75 3.91
C HIS A 74 -13.49 23.12 2.67
N TRP A 75 -14.82 23.26 2.81
CA TRP A 75 -15.76 23.58 1.71
C TRP A 75 -15.74 22.48 0.63
N ALA A 76 -15.61 21.21 1.10
CA ALA A 76 -15.56 19.91 0.39
C ALA A 76 -14.37 19.74 -0.57
N SER A 77 -13.90 20.82 -1.22
CA SER A 77 -12.81 20.74 -2.21
C SER A 77 -11.72 21.81 -2.06
N THR A 78 -11.81 22.70 -1.06
CA THR A 78 -10.78 23.73 -0.86
C THR A 78 -9.71 23.25 0.10
N ARG A 79 -8.55 23.01 -0.44
CA ARG A 79 -7.37 22.55 0.26
C ARG A 79 -6.79 23.71 1.07
N LYS A 80 -6.38 23.45 2.33
CA LYS A 80 -5.74 24.46 3.19
C LYS A 80 -4.36 24.75 2.59
N SER A 81 -3.87 26.00 2.68
CA SER A 81 -2.53 26.35 2.17
C SER A 81 -1.47 25.60 2.97
N GLY A 82 -0.46 25.07 2.29
CA GLY A 82 0.59 24.27 2.91
C GLY A 82 0.33 22.77 2.82
N VAL A 83 -0.91 22.41 2.47
CA VAL A 83 -1.31 21.00 2.30
C VAL A 83 -0.88 20.56 0.87
N PRO A 84 -0.13 19.45 0.71
CA PRO A 84 0.29 19.02 -0.64
C PRO A 84 -0.90 18.75 -1.59
N ASP A 85 -0.71 19.04 -2.91
CA ASP A 85 -1.76 18.86 -3.92
C ASP A 85 -2.13 17.39 -4.15
N ARG A 86 -1.36 16.47 -3.51
CA ARG A 86 -1.62 15.03 -3.49
C ARG A 86 -2.98 14.76 -2.81
N PHE A 87 -3.39 15.65 -1.88
CA PHE A 87 -4.68 15.60 -1.17
C PHE A 87 -5.71 16.40 -1.91
N SER A 88 -6.87 15.81 -2.18
CA SER A 88 -7.95 16.53 -2.84
C SER A 88 -9.27 15.97 -2.39
N GLY A 89 -10.23 16.87 -2.21
CA GLY A 89 -11.58 16.49 -1.83
C GLY A 89 -12.52 16.70 -2.99
N SER A 90 -13.59 15.88 -3.07
CA SER A 90 -14.62 15.97 -4.12
C SER A 90 -15.97 15.53 -3.58
N GLY A 91 -16.97 15.53 -4.44
CA GLY A 91 -18.33 15.12 -4.13
C GLY A 91 -19.35 16.24 -4.04
N PHE A 92 -20.62 15.86 -3.94
CA PHE A 92 -21.74 16.78 -3.80
C PHE A 92 -22.91 16.11 -3.10
N GLY A 93 -23.74 16.94 -2.50
CA GLY A 93 -24.94 16.52 -1.81
C GLY A 93 -24.65 15.81 -0.52
N THR A 94 -24.69 14.48 -0.59
CA THR A 94 -24.45 13.57 0.53
C THR A 94 -23.22 12.67 0.33
N ASP A 95 -22.63 12.62 -0.88
CA ASP A 95 -21.49 11.71 -1.17
C ASP A 95 -20.20 12.45 -1.40
N PHE A 96 -19.26 12.33 -0.47
CA PHE A 96 -17.98 13.02 -0.53
C PHE A 96 -16.80 12.07 -0.55
N THR A 97 -15.66 12.53 -1.11
CA THR A 97 -14.48 11.69 -1.26
C THR A 97 -13.21 12.44 -0.97
N LEU A 98 -12.28 11.78 -0.28
CA LEU A 98 -10.94 12.30 -0.07
C LEU A 98 -10.03 11.41 -0.91
N THR A 99 -9.21 12.01 -1.77
CA THR A 99 -8.27 11.27 -2.60
C THR A 99 -6.88 11.69 -2.24
N ILE A 100 -6.00 10.70 -2.03
CA ILE A 100 -4.59 10.94 -1.75
C ILE A 100 -3.83 10.24 -2.87
N THR A 101 -3.20 11.01 -3.75
CA THR A 101 -2.41 10.43 -4.84
C THR A 101 -0.97 10.29 -4.33
N SER A 102 -0.17 9.46 -4.99
CA SER A 102 1.24 9.17 -4.67
C SER A 102 1.51 9.11 -3.15
N LEU A 103 0.85 8.15 -2.50
CA LEU A 103 0.94 7.87 -1.08
C LEU A 103 2.39 7.85 -0.63
N GLN A 104 2.70 8.63 0.40
CA GLN A 104 4.02 8.76 1.01
C GLN A 104 3.88 8.19 2.41
N ALA A 105 5.00 7.74 2.99
CA ALA A 105 5.12 7.19 4.33
C ALA A 105 4.47 8.10 5.40
N GLU A 106 4.69 9.45 5.30
CA GLU A 106 4.15 10.43 6.25
C GLU A 106 2.63 10.61 6.15
N ASP A 107 1.96 9.89 5.24
CA ASP A 107 0.50 9.92 5.10
C ASP A 107 -0.17 8.96 6.07
N VAL A 108 0.62 8.14 6.79
CA VAL A 108 0.11 7.21 7.81
C VAL A 108 -0.65 8.04 8.86
N ALA A 109 -1.94 7.75 9.02
CA ALA A 109 -2.82 8.52 9.87
C ALA A 109 -4.19 7.93 9.85
N ILE A 110 -5.08 8.55 10.63
CA ILE A 110 -6.52 8.29 10.59
C ILE A 110 -7.08 9.56 9.96
N TYR A 111 -8.02 9.38 9.00
CA TYR A 111 -8.64 10.48 8.28
C TYR A 111 -10.06 10.66 8.70
N TYR A 112 -10.44 11.89 9.00
CA TYR A 112 -11.79 12.19 9.45
C TYR A 112 -12.45 13.25 8.59
N CYS A 113 -13.71 13.02 8.25
CA CYS A 113 -14.52 14.04 7.60
C CYS A 113 -15.38 14.69 8.71
N GLN A 114 -15.78 15.94 8.50
CA GLN A 114 -16.60 16.69 9.45
C GLN A 114 -17.50 17.63 8.70
N GLN A 115 -18.72 17.72 9.18
CA GLN A 115 -19.85 18.51 8.69
C GLN A 115 -19.77 19.87 9.43
N TYR A 116 -19.68 21.00 8.70
CA TYR A 116 -19.63 22.35 9.29
C TYR A 116 -20.90 23.16 8.96
N PHE A 117 -21.98 22.47 8.64
CA PHE A 117 -23.24 23.04 8.19
C PHE A 117 -24.19 23.48 9.35
N SER A 118 -24.50 22.57 10.29
CA SER A 118 -25.38 22.88 11.43
C SER A 118 -24.90 22.16 12.70
N PRO A 119 -24.93 22.83 13.89
CA PRO A 119 -24.45 22.15 15.12
C PRO A 119 -25.42 21.06 15.58
N PRO A 120 -24.95 19.93 16.14
CA PRO A 120 -23.55 19.56 16.44
C PRO A 120 -22.70 19.32 15.19
N TYR A 121 -21.50 19.94 15.11
CA TYR A 121 -20.60 19.85 13.94
C TYR A 121 -19.84 18.50 13.92
N THR A 122 -20.63 17.44 13.69
CA THR A 122 -20.28 16.03 13.74
C THR A 122 -19.19 15.57 12.79
N PHE A 123 -18.36 14.64 13.29
CA PHE A 123 -17.27 13.98 12.56
C PHE A 123 -17.70 12.61 12.13
N GLY A 124 -17.10 12.10 11.07
CA GLY A 124 -17.26 10.71 10.68
C GLY A 124 -16.47 9.88 11.69
N GLN A 125 -16.63 8.56 11.66
CA GLN A 125 -15.95 7.68 12.63
C GLN A 125 -14.43 7.50 12.37
N GLY A 126 -13.94 8.07 11.27
CA GLY A 126 -12.53 7.99 10.87
C GLY A 126 -12.23 6.80 9.98
N THR A 127 -11.16 6.93 9.19
CA THR A 127 -10.67 5.88 8.30
C THR A 127 -9.22 5.72 8.59
N LYS A 128 -8.80 4.54 9.07
CA LYS A 128 -7.40 4.27 9.39
C LYS A 128 -6.63 3.92 8.14
N LEU A 129 -5.58 4.68 7.84
CA LEU A 129 -4.77 4.43 6.67
C LEU A 129 -3.43 3.84 7.00
N GLU A 130 -3.29 2.58 6.62
CA GLU A 130 -2.09 1.80 6.73
C GLU A 130 -1.30 1.93 5.41
N ILE A 131 0.00 2.13 5.52
CA ILE A 131 0.91 2.22 4.39
C ILE A 131 1.49 0.81 4.08
N LYS A 132 1.15 0.22 2.90
CA LYS A 132 1.72 -1.07 2.46
C LYS A 132 3.12 -0.76 1.93
N ARG A 133 4.12 -1.41 2.51
CA ARG A 133 5.56 -1.25 2.30
CA ARG A 133 5.52 -1.25 2.11
C ARG A 133 6.18 -2.63 1.99
N THR A 134 7.48 -2.69 1.55
CA THR A 134 8.18 -3.98 1.35
C THR A 134 8.42 -4.68 2.70
N VAL A 135 8.41 -6.03 2.71
CA VAL A 135 8.60 -6.83 3.91
C VAL A 135 9.92 -6.46 4.63
N ALA A 136 9.87 -6.23 5.96
CA ALA A 136 11.04 -5.86 6.76
C ALA A 136 11.11 -6.79 7.96
N ALA A 137 12.22 -7.52 8.10
CA ALA A 137 12.38 -8.47 9.21
C ALA A 137 12.68 -7.71 10.52
N PRO A 138 12.14 -8.16 11.68
CA PRO A 138 12.45 -7.46 12.94
C PRO A 138 13.85 -7.75 13.48
N SER A 139 14.43 -6.77 14.19
CA SER A 139 15.68 -6.93 14.93
C SER A 139 15.18 -7.33 16.32
N VAL A 140 15.62 -8.50 16.82
CA VAL A 140 15.16 -9.05 18.10
C VAL A 140 16.22 -8.87 19.21
N PHE A 141 15.76 -8.31 20.34
CA PHE A 141 16.57 -8.01 21.53
C PHE A 141 15.84 -8.51 22.74
N ILE A 142 16.58 -9.10 23.68
CA ILE A 142 16.04 -9.62 24.93
C ILE A 142 16.67 -8.88 26.11
N PHE A 143 15.85 -8.57 27.12
CA PHE A 143 16.32 -7.88 28.31
C PHE A 143 15.95 -8.68 29.54
N PRO A 144 16.96 -8.96 30.38
CA PRO A 144 16.66 -9.66 31.64
C PRO A 144 16.01 -8.71 32.64
N PRO A 145 15.26 -9.19 33.67
CA PRO A 145 14.76 -8.24 34.68
C PRO A 145 15.95 -7.61 35.41
N SER A 146 15.82 -6.33 35.80
CA SER A 146 16.88 -5.63 36.50
C SER A 146 17.03 -6.17 37.92
N ASP A 147 18.21 -5.94 38.54
CA ASP A 147 18.46 -6.36 39.92
C ASP A 147 17.60 -5.53 40.88
N GLU A 148 17.33 -4.24 40.51
CA GLU A 148 16.50 -3.34 41.32
CA GLU A 148 16.50 -3.33 41.30
C GLU A 148 15.05 -3.84 41.41
N GLN A 149 14.49 -4.38 40.30
CA GLN A 149 13.14 -4.92 40.24
C GLN A 149 13.03 -6.24 40.98
N LEU A 150 14.06 -7.11 40.84
CA LEU A 150 14.09 -8.41 41.50
C LEU A 150 14.01 -8.27 43.01
N LYS A 151 14.66 -7.22 43.57
CA LYS A 151 14.62 -6.87 44.99
C LYS A 151 13.17 -6.65 45.44
N SER A 152 12.37 -5.98 44.58
CA SER A 152 10.95 -5.66 44.80
C SER A 152 10.03 -6.89 44.89
N GLY A 153 10.45 -8.03 44.31
CA GLY A 153 9.67 -9.26 44.34
C GLY A 153 9.06 -9.71 43.02
N THR A 154 9.21 -8.89 41.96
CA THR A 154 8.68 -9.20 40.62
C THR A 154 9.83 -9.24 39.63
N ALA A 155 9.65 -10.00 38.57
CA ALA A 155 10.59 -10.08 37.46
C ALA A 155 9.84 -9.79 36.15
N SER A 156 10.30 -8.77 35.40
CA SER A 156 9.75 -8.47 34.09
C SER A 156 10.83 -8.76 33.08
N VAL A 157 10.53 -9.65 32.14
CA VAL A 157 11.45 -10.04 31.09
C VAL A 157 10.86 -9.40 29.84
N VAL A 158 11.69 -8.62 29.10
CA VAL A 158 11.25 -7.88 27.91
C VAL A 158 11.89 -8.37 26.61
N CYS A 159 11.06 -8.59 25.58
CA CYS A 159 11.52 -8.93 24.26
C CYS A 159 11.09 -7.85 23.27
N LEU A 160 12.04 -7.33 22.51
CA LEU A 160 11.83 -6.26 21.56
C LEU A 160 11.99 -6.68 20.10
N LEU A 161 10.97 -6.38 19.29
CA LEU A 161 10.93 -6.64 17.86
C LEU A 161 10.99 -5.23 17.25
N ASN A 162 12.13 -4.87 16.68
CA ASN A 162 12.36 -3.53 16.19
C ASN A 162 12.31 -3.39 14.68
N ASN A 163 11.55 -2.38 14.24
CA ASN A 163 11.41 -1.93 12.84
C ASN A 163 11.15 -3.04 11.82
N PHE A 164 9.95 -3.61 11.87
CA PHE A 164 9.49 -4.66 10.98
C PHE A 164 8.17 -4.31 10.24
N TYR A 165 7.94 -4.97 9.10
CA TYR A 165 6.74 -4.88 8.29
C TYR A 165 6.46 -6.23 7.56
N PRO A 166 5.22 -6.76 7.53
CA PRO A 166 3.98 -6.25 8.13
C PRO A 166 3.83 -6.51 9.63
N ARG A 167 2.73 -6.00 10.21
CA ARG A 167 2.39 -6.07 11.63
C ARG A 167 2.40 -7.50 12.21
N GLU A 168 1.88 -8.48 11.42
CA GLU A 168 1.76 -9.90 11.78
C GLU A 168 3.08 -10.47 12.30
N ALA A 169 3.11 -10.82 13.59
CA ALA A 169 4.28 -11.36 14.28
C ALA A 169 3.86 -12.30 15.39
N LYS A 170 4.57 -13.43 15.50
CA LYS A 170 4.34 -14.43 16.55
C LYS A 170 5.53 -14.34 17.50
N VAL A 171 5.24 -14.04 18.77
CA VAL A 171 6.25 -13.92 19.82
C VAL A 171 5.94 -14.97 20.88
N GLN A 172 6.90 -15.90 21.13
CA GLN A 172 6.75 -16.98 22.10
C GLN A 172 7.84 -17.00 23.16
N TRP A 173 7.41 -17.06 24.42
CA TRP A 173 8.32 -17.12 25.55
C TRP A 173 8.55 -18.59 25.92
N LYS A 174 9.81 -18.95 26.13
CA LYS A 174 10.20 -20.29 26.56
C LYS A 174 11.14 -20.18 27.76
N VAL A 175 10.69 -20.72 28.89
CA VAL A 175 11.46 -20.70 30.14
C VAL A 175 11.88 -22.17 30.38
N ASP A 176 13.18 -22.47 30.14
CA ASP A 176 13.78 -23.82 30.21
C ASP A 176 13.07 -24.74 29.19
N ASN A 177 12.85 -24.20 27.97
CA ASN A 177 12.17 -24.79 26.80
C ASN A 177 10.67 -25.11 27.04
N ALA A 178 10.11 -24.67 28.18
CA ALA A 178 8.69 -24.84 28.50
C ALA A 178 7.90 -23.61 28.04
N LEU A 179 7.03 -23.81 27.03
CA LEU A 179 6.17 -22.82 26.36
C LEU A 179 5.25 -22.11 27.35
N GLN A 180 5.50 -20.80 27.56
CA GLN A 180 4.74 -19.97 28.49
C GLN A 180 3.40 -19.54 27.91
N SER A 181 2.41 -19.29 28.79
CA SER A 181 1.08 -18.83 28.43
C SER A 181 0.36 -18.10 29.57
N GLY A 182 -0.35 -17.02 29.21
CA GLY A 182 -1.14 -16.19 30.13
C GLY A 182 -0.37 -15.22 31.04
N ASN A 183 0.97 -15.24 30.97
CA ASN A 183 1.86 -14.43 31.81
C ASN A 183 2.62 -13.33 31.04
N SER A 184 2.22 -13.05 29.77
CA SER A 184 2.85 -12.01 28.95
C SER A 184 1.86 -10.99 28.31
N GLN A 185 2.32 -9.74 28.14
CA GLN A 185 1.53 -8.66 27.52
C GLN A 185 2.33 -8.01 26.39
N GLU A 186 1.65 -7.69 25.29
CA GLU A 186 2.27 -7.06 24.13
C GLU A 186 1.82 -5.62 23.93
N SER A 187 2.73 -4.79 23.42
CA SER A 187 2.46 -3.40 23.06
C SER A 187 3.14 -3.15 21.71
N VAL A 188 2.38 -2.58 20.78
CA VAL A 188 2.84 -2.28 19.42
C VAL A 188 2.79 -0.79 19.21
N THR A 189 3.83 -0.23 18.57
CA THR A 189 3.87 1.19 18.24
C THR A 189 3.05 1.39 16.95
N GLU A 190 2.64 2.65 16.70
CA GLU A 190 1.95 3.01 15.46
C GLU A 190 3.00 2.97 14.34
N GLN A 191 2.55 2.71 13.11
CA GLN A 191 3.41 2.64 11.95
C GLN A 191 4.29 3.90 11.83
N ASP A 192 5.61 3.73 11.69
CA ASP A 192 6.53 4.85 11.59
C ASP A 192 6.27 5.71 10.35
N SER A 193 6.25 7.03 10.54
CA SER A 193 5.96 8.01 9.48
C SER A 193 7.10 8.19 8.44
N LYS A 194 8.26 7.57 8.66
CA LYS A 194 9.36 7.67 7.70
C LYS A 194 9.64 6.33 7.03
N ASP A 195 9.77 5.23 7.83
CA ASP A 195 10.08 3.89 7.29
C ASP A 195 8.89 2.92 7.26
N SER A 196 7.70 3.35 7.71
CA SER A 196 6.43 2.59 7.66
C SER A 196 6.43 1.22 8.38
N THR A 197 7.32 1.07 9.36
CA THR A 197 7.42 -0.17 10.14
C THR A 197 6.69 -0.07 11.49
N TYR A 198 6.61 -1.20 12.18
CA TYR A 198 6.06 -1.34 13.50
C TYR A 198 7.20 -1.82 14.40
N SER A 199 7.07 -1.59 15.71
CA SER A 199 7.99 -2.09 16.73
C SER A 199 7.13 -2.68 17.82
N LEU A 200 7.57 -3.76 18.44
CA LEU A 200 6.74 -4.45 19.42
C LEU A 200 7.51 -4.86 20.65
N SER A 201 6.85 -4.74 21.81
CA SER A 201 7.43 -5.23 23.07
C SER A 201 6.52 -6.31 23.63
N SER A 202 7.13 -7.39 24.11
CA SER A 202 6.45 -8.51 24.75
C SER A 202 7.06 -8.57 26.14
N THR A 203 6.22 -8.39 27.16
CA THR A 203 6.70 -8.40 28.53
C THR A 203 6.21 -9.67 29.24
N LEU A 204 7.14 -10.51 29.71
CA LEU A 204 6.86 -11.71 30.49
C LEU A 204 6.95 -11.31 31.97
N THR A 205 5.87 -11.51 32.73
CA THR A 205 5.86 -11.16 34.16
C THR A 205 5.82 -12.43 35.01
N LEU A 206 6.76 -12.50 35.98
CA LEU A 206 6.92 -13.64 36.92
C LEU A 206 7.22 -13.10 38.30
N SER A 207 6.90 -13.90 39.34
CA SER A 207 7.25 -13.56 40.72
C SER A 207 8.74 -13.85 40.87
N LYS A 208 9.41 -13.25 41.87
CA LYS A 208 10.84 -13.48 42.15
C LYS A 208 11.12 -14.99 42.34
N ALA A 209 10.18 -15.69 43.01
CA ALA A 209 10.22 -17.12 43.32
C ALA A 209 10.15 -18.00 42.06
N ASP A 210 9.11 -17.81 41.21
CA ASP A 210 8.91 -18.54 39.95
C ASP A 210 10.03 -18.27 38.95
N TYR A 211 10.66 -17.08 39.05
CA TYR A 211 11.77 -16.67 38.19
C TYR A 211 13.08 -17.35 38.61
N GLU A 212 13.35 -17.46 39.92
CA GLU A 212 14.58 -18.08 40.42
C GLU A 212 14.56 -19.62 40.31
N LYS A 213 13.38 -20.20 40.02
CA LYS A 213 13.17 -21.64 39.79
C LYS A 213 13.79 -22.10 38.46
N HIS A 214 14.08 -21.16 37.52
CA HIS A 214 14.54 -21.49 36.16
C HIS A 214 15.84 -20.82 35.73
N LYS A 215 16.47 -21.32 34.62
CA LYS A 215 17.74 -20.80 34.09
C LYS A 215 17.69 -20.14 32.68
N VAL A 216 17.20 -20.84 31.64
CA VAL A 216 17.18 -20.32 30.27
C VAL A 216 15.89 -19.53 29.99
N TYR A 217 16.07 -18.24 29.66
CA TYR A 217 14.95 -17.35 29.32
C TYR A 217 15.08 -16.98 27.86
N ALA A 218 14.13 -17.43 27.05
CA ALA A 218 14.18 -17.22 25.61
C ALA A 218 12.90 -16.65 24.99
N CYS A 219 13.09 -15.83 23.95
CA CYS A 219 12.03 -15.19 23.17
C CYS A 219 12.24 -15.64 21.72
N GLU A 220 11.21 -16.31 21.15
CA GLU A 220 11.22 -16.83 19.78
C GLU A 220 10.26 -16.04 18.89
N VAL A 221 10.81 -15.48 17.81
CA VAL A 221 10.10 -14.58 16.88
C VAL A 221 9.90 -15.18 15.49
N THR A 222 8.62 -15.26 15.09
CA THR A 222 8.19 -15.72 13.78
C THR A 222 7.57 -14.53 13.03
N HIS A 223 8.18 -14.15 11.89
CA HIS A 223 7.75 -13.04 11.04
C HIS A 223 8.15 -13.30 9.57
N GLN A 224 7.30 -12.88 8.62
CA GLN A 224 7.47 -12.97 7.15
C GLN A 224 8.89 -12.71 6.64
N GLY A 225 9.59 -11.76 7.23
CA GLY A 225 10.94 -11.37 6.84
C GLY A 225 12.04 -12.33 7.26
N LEU A 226 11.81 -13.10 8.32
CA LEU A 226 12.82 -14.04 8.82
C LEU A 226 12.63 -15.40 8.13
N SER A 227 13.73 -15.92 7.53
CA SER A 227 13.80 -17.21 6.81
C SER A 227 13.22 -18.38 7.63
N SER A 228 13.56 -18.42 8.95
CA SER A 228 13.10 -19.38 9.96
C SER A 228 13.02 -18.65 11.33
N PRO A 229 12.09 -19.02 12.27
CA PRO A 229 11.99 -18.30 13.57
C PRO A 229 13.29 -18.03 14.31
N VAL A 230 13.51 -16.75 14.66
CA VAL A 230 14.69 -16.24 15.39
C VAL A 230 14.50 -16.39 16.89
N THR A 231 15.57 -16.76 17.63
CA THR A 231 15.51 -16.90 19.09
C THR A 231 16.62 -16.08 19.76
N LYS A 232 16.23 -15.31 20.79
CA LYS A 232 17.14 -14.51 21.62
C LYS A 232 16.93 -14.97 23.05
N SER A 233 18.03 -15.15 23.78
CA SER A 233 18.00 -15.72 25.12
C SER A 233 19.13 -15.29 26.02
N PHE A 234 18.97 -15.62 27.30
CA PHE A 234 19.98 -15.41 28.34
C PHE A 234 19.80 -16.48 29.39
N ASN A 235 20.84 -16.68 30.22
CA ASN A 235 20.77 -17.60 31.35
C ASN A 235 20.77 -16.71 32.59
N ARG A 236 19.76 -16.92 33.47
CA ARG A 236 19.53 -16.17 34.72
C ARG A 236 20.80 -15.75 35.47
CA GLU B 20 2.53 32.48 15.15
C GLU B 20 1.26 32.06 15.93
N VAL B 21 0.30 31.43 15.24
CA VAL B 21 -0.97 30.97 15.83
C VAL B 21 -0.72 29.78 16.75
N GLN B 22 -1.18 29.91 18.00
CA GLN B 22 -1.02 28.92 19.06
C GLN B 22 -2.26 28.77 19.92
N LEU B 23 -2.66 27.53 20.18
CA LEU B 23 -3.78 27.13 21.04
C LEU B 23 -3.23 26.12 22.05
N VAL B 24 -3.40 26.39 23.37
CA VAL B 24 -2.89 25.52 24.44
C VAL B 24 -3.99 25.21 25.49
N GLU B 25 -4.30 23.92 25.61
CA GLU B 25 -5.30 23.40 26.56
C GLU B 25 -4.59 23.03 27.84
N SER B 26 -5.23 23.28 28.97
CA SER B 26 -4.74 22.91 30.30
C SER B 26 -5.94 22.69 31.23
N GLY B 27 -5.67 22.15 32.43
CA GLY B 27 -6.70 21.95 33.43
C GLY B 27 -7.27 20.56 33.53
N GLY B 28 -6.78 19.68 32.67
CA GLY B 28 -7.16 18.28 32.63
C GLY B 28 -6.38 17.53 33.69
N GLY B 29 -7.02 16.50 34.22
CA GLY B 29 -6.46 15.64 35.25
C GLY B 29 -7.45 14.61 35.73
N LEU B 30 -7.03 13.86 36.76
CA LEU B 30 -7.82 12.82 37.42
C LEU B 30 -8.92 13.48 38.25
N VAL B 31 -10.18 13.03 38.04
CA VAL B 31 -11.30 13.57 38.77
C VAL B 31 -12.26 12.45 39.16
N GLN B 32 -12.87 12.55 40.35
CA GLN B 32 -13.82 11.55 40.81
C GLN B 32 -15.09 11.58 39.96
N PRO B 33 -15.69 10.43 39.59
CA PRO B 33 -17.00 10.46 38.92
C PRO B 33 -18.01 11.25 39.78
N GLY B 34 -18.73 12.18 39.14
CA GLY B 34 -19.67 13.12 39.79
C GLY B 34 -19.00 14.46 40.03
N GLY B 35 -17.69 14.51 39.84
CA GLY B 35 -16.88 15.70 40.04
C GLY B 35 -16.96 16.69 38.91
N SER B 36 -16.38 17.88 39.15
CA SER B 36 -16.32 19.00 38.25
C SER B 36 -14.88 19.35 37.93
N LEU B 37 -14.67 19.85 36.72
CA LEU B 37 -13.34 20.24 36.23
C LEU B 37 -13.51 21.41 35.26
N ARG B 38 -12.54 22.32 35.23
CA ARG B 38 -12.58 23.47 34.33
C ARG B 38 -11.36 23.47 33.41
N LEU B 39 -11.61 23.37 32.11
CA LEU B 39 -10.55 23.40 31.12
C LEU B 39 -10.37 24.79 30.59
N SER B 40 -9.13 25.14 30.27
CA SER B 40 -8.82 26.43 29.68
C SER B 40 -8.15 26.19 28.34
N CYS B 41 -8.35 27.12 27.40
CA CYS B 41 -7.70 27.12 26.10
C CYS B 41 -7.15 28.52 25.85
N SER B 42 -5.83 28.66 25.97
CA SER B 42 -5.08 29.89 25.80
C SER B 42 -4.69 30.09 24.31
N ALA B 43 -5.22 31.17 23.71
CA ALA B 43 -4.94 31.52 22.33
C ALA B 43 -3.90 32.66 22.25
N SER B 44 -2.98 32.56 21.28
CA SER B 44 -1.95 33.56 20.99
C SER B 44 -1.61 33.58 19.48
N GLY B 45 -1.03 34.71 19.02
CA GLY B 45 -0.62 34.93 17.65
C GLY B 45 -1.70 35.34 16.67
N PHE B 46 -2.90 35.69 17.17
CA PHE B 46 -4.03 36.09 16.32
C PHE B 46 -5.10 36.88 17.08
N SER B 47 -6.02 37.49 16.34
CA SER B 47 -7.14 38.24 16.90
C SER B 47 -8.27 37.25 17.25
N PHE B 48 -8.15 36.68 18.47
CA PHE B 48 -9.04 35.69 19.11
C PHE B 48 -10.53 36.06 18.97
N ASN B 49 -10.88 37.30 19.32
CA ASN B 49 -12.24 37.86 19.33
C ASN B 49 -12.93 37.88 17.97
N SER B 50 -12.20 37.59 16.89
CA SER B 50 -12.77 37.55 15.52
C SER B 50 -13.15 36.12 15.08
N PHE B 51 -12.91 35.11 15.94
CA PHE B 51 -13.13 33.69 15.61
C PHE B 51 -14.01 32.88 16.53
N TRP B 52 -14.75 31.96 15.93
CA TRP B 52 -15.51 30.93 16.61
C TRP B 52 -14.48 29.99 17.25
N MET B 53 -14.81 29.45 18.42
CA MET B 53 -13.93 28.50 19.09
C MET B 53 -14.67 27.21 19.35
N HIS B 54 -13.98 26.08 19.20
CA HIS B 54 -14.59 24.75 19.40
C HIS B 54 -13.82 23.90 20.39
N TRP B 55 -14.56 22.99 21.07
CA TRP B 55 -14.01 21.95 21.92
C TRP B 55 -14.36 20.64 21.24
N VAL B 56 -13.38 19.76 21.15
CA VAL B 56 -13.49 18.43 20.55
C VAL B 56 -12.81 17.47 21.49
N ARG B 57 -13.39 16.28 21.69
CA ARG B 57 -12.73 15.34 22.57
C ARG B 57 -12.42 14.03 21.86
N GLN B 58 -11.45 13.30 22.41
CA GLN B 58 -11.02 12.01 21.88
C GLN B 58 -10.68 11.03 22.98
N VAL B 59 -11.56 10.04 23.15
CA VAL B 59 -11.38 8.91 24.07
C VAL B 59 -10.15 8.16 23.54
N PRO B 60 -9.15 7.83 24.38
CA PRO B 60 -7.93 7.18 23.85
C PRO B 60 -8.20 5.95 22.98
N GLY B 61 -7.58 5.91 21.82
CA GLY B 61 -7.76 4.87 20.81
C GLY B 61 -9.06 4.96 20.02
N LYS B 62 -9.87 6.03 20.24
CA LYS B 62 -11.14 6.21 19.54
C LYS B 62 -11.11 7.46 18.63
N GLY B 63 -12.27 7.80 18.06
CA GLY B 63 -12.38 8.92 17.13
C GLY B 63 -12.67 10.27 17.73
N LEU B 64 -12.62 11.29 16.89
CA LEU B 64 -12.90 12.69 17.26
C LEU B 64 -14.41 12.90 17.42
N VAL B 65 -14.82 13.51 18.55
CA VAL B 65 -16.20 13.76 18.91
C VAL B 65 -16.31 15.24 19.21
N TRP B 66 -17.11 15.94 18.38
CA TRP B 66 -17.33 17.38 18.58
C TRP B 66 -18.13 17.61 19.89
N ILE B 67 -17.65 18.53 20.74
CA ILE B 67 -18.25 18.73 22.05
C ILE B 67 -19.02 20.04 22.17
N SER B 68 -18.43 21.15 21.74
CA SER B 68 -19.05 22.46 21.90
C SER B 68 -18.40 23.50 21.02
N PHE B 69 -19.11 24.61 20.80
CA PHE B 69 -18.60 25.80 20.09
C PHE B 69 -19.28 27.04 20.67
N THR B 70 -18.61 28.18 20.50
CA THR B 70 -19.09 29.51 20.84
C THR B 70 -18.70 30.45 19.71
N ASN B 71 -19.58 31.42 19.42
CA ASN B 71 -19.30 32.42 18.39
C ASN B 71 -18.33 33.47 18.97
N ASN B 72 -18.02 34.51 18.18
CA ASN B 72 -17.03 35.54 18.49
C ASN B 72 -17.11 36.12 19.91
N GLU B 73 -18.32 36.39 20.42
CA GLU B 73 -18.48 37.01 21.75
C GLU B 73 -19.21 36.14 22.80
N GLY B 74 -19.59 34.93 22.42
CA GLY B 74 -20.24 33.99 23.32
C GLY B 74 -21.75 34.14 23.45
N THR B 75 -22.37 34.77 22.44
CA THR B 75 -23.82 35.00 22.34
C THR B 75 -24.53 33.75 21.86
N THR B 76 -23.81 32.91 21.09
CA THR B 76 -24.31 31.63 20.60
C THR B 76 -23.37 30.53 21.06
N THR B 77 -23.93 29.50 21.70
CA THR B 77 -23.20 28.32 22.18
C THR B 77 -24.01 27.10 21.75
N ALA B 78 -23.33 25.95 21.52
CA ALA B 78 -24.00 24.69 21.18
C ALA B 78 -23.22 23.53 21.81
N TYR B 79 -23.90 22.38 22.00
CA TYR B 79 -23.28 21.23 22.69
C TYR B 79 -23.67 19.91 22.10
N ALA B 80 -22.78 18.91 22.22
CA ALA B 80 -23.11 17.56 21.86
C ALA B 80 -24.23 17.08 22.86
N ASP B 81 -25.14 16.20 22.43
CA ASP B 81 -26.22 15.68 23.28
C ASP B 81 -25.70 15.07 24.59
N SER B 82 -24.55 14.38 24.52
CA SER B 82 -23.94 13.69 25.65
C SER B 82 -23.43 14.61 26.75
N VAL B 83 -23.26 15.91 26.47
CA VAL B 83 -22.69 16.86 27.43
C VAL B 83 -23.64 18.02 27.80
N ARG B 84 -24.70 18.22 26.99
CA ARG B 84 -25.65 19.32 27.20
C ARG B 84 -26.26 19.19 28.58
N GLY B 85 -26.27 20.29 29.32
CA GLY B 85 -26.79 20.27 30.68
C GLY B 85 -25.72 20.09 31.75
N ARG B 86 -24.57 19.48 31.40
CA ARG B 86 -23.42 19.30 32.31
C ARG B 86 -22.24 20.23 31.99
N PHE B 87 -22.06 20.62 30.71
CA PHE B 87 -20.92 21.44 30.30
C PHE B 87 -21.31 22.85 29.94
N ILE B 88 -20.38 23.79 30.16
CA ILE B 88 -20.56 25.21 29.85
C ILE B 88 -19.33 25.76 29.15
N ILE B 89 -19.49 26.19 27.89
CA ILE B 89 -18.42 26.82 27.11
C ILE B 89 -18.52 28.33 27.38
N SER B 90 -17.38 28.99 27.55
CA SER B 90 -17.32 30.44 27.73
C SER B 90 -15.99 30.98 27.20
N ARG B 91 -15.90 32.30 27.04
CA ARG B 91 -14.67 32.92 26.56
C ARG B 91 -14.44 34.25 27.23
N ASP B 92 -13.19 34.55 27.52
CA ASP B 92 -12.80 35.85 28.03
C ASP B 92 -11.92 36.42 26.91
N ASN B 93 -12.55 37.17 25.98
CA ASN B 93 -11.87 37.75 24.81
C ASN B 93 -10.68 38.64 25.18
N ALA B 94 -10.79 39.41 26.27
CA ALA B 94 -9.77 40.31 26.80
C ALA B 94 -8.57 39.54 27.34
N LYS B 95 -8.80 38.31 27.81
CA LYS B 95 -7.76 37.46 28.37
C LYS B 95 -7.24 36.42 27.37
N ASN B 96 -7.81 36.40 26.15
CA ASN B 96 -7.46 35.50 25.06
C ASN B 96 -7.61 34.02 25.47
N THR B 97 -8.71 33.71 26.21
CA THR B 97 -8.96 32.36 26.71
C THR B 97 -10.36 31.87 26.43
N LEU B 98 -10.44 30.58 26.05
CA LEU B 98 -11.66 29.81 25.88
C LEU B 98 -11.72 28.90 27.13
N TYR B 99 -12.92 28.62 27.63
CA TYR B 99 -13.07 27.74 28.80
C TYR B 99 -14.11 26.69 28.54
N LEU B 100 -13.96 25.55 29.23
CA LEU B 100 -14.95 24.51 29.25
C LEU B 100 -15.10 24.03 30.71
N GLU B 101 -16.25 24.39 31.30
CA GLU B 101 -16.63 24.00 32.64
C GLU B 101 -17.37 22.68 32.48
N MET B 102 -16.87 21.64 33.13
CA MET B 102 -17.43 20.30 33.06
C MET B 102 -17.97 19.86 34.43
N ASN B 103 -19.25 19.52 34.51
CA ASN B 103 -19.90 19.12 35.75
C ASN B 103 -20.45 17.73 35.61
N ASN B 104 -20.69 17.06 36.76
CA ASN B 104 -21.23 15.71 36.85
C ASN B 104 -20.52 14.73 35.88
N LEU B 105 -19.19 14.72 35.98
CA LEU B 105 -18.36 13.91 35.11
C LEU B 105 -18.54 12.42 35.35
N ARG B 106 -18.47 11.64 34.26
CA ARG B 106 -18.68 10.20 34.24
C ARG B 106 -17.55 9.56 33.39
N GLY B 107 -17.40 8.23 33.49
CA GLY B 107 -16.41 7.48 32.73
C GLY B 107 -16.40 7.76 31.22
N GLU B 108 -17.57 8.05 30.64
CA GLU B 108 -17.64 8.32 29.20
C GLU B 108 -17.05 9.70 28.81
N ASP B 109 -16.70 10.53 29.80
CA ASP B 109 -16.08 11.82 29.58
C ASP B 109 -14.55 11.74 29.57
N THR B 110 -13.98 10.57 30.00
CA THR B 110 -12.53 10.32 29.98
C THR B 110 -12.08 10.43 28.51
N ALA B 111 -11.30 11.49 28.19
CA ALA B 111 -10.83 11.77 26.83
C ALA B 111 -9.75 12.83 26.85
N VAL B 112 -9.06 13.00 25.70
CA VAL B 112 -8.15 14.12 25.46
C VAL B 112 -9.11 15.20 24.93
N TYR B 113 -9.07 16.40 25.52
CA TYR B 113 -9.91 17.50 25.08
C TYR B 113 -9.08 18.52 24.29
N TYR B 114 -9.53 18.81 23.07
CA TYR B 114 -8.87 19.76 22.17
C TYR B 114 -9.71 20.99 21.96
N CYS B 115 -9.04 22.12 21.80
CA CYS B 115 -9.69 23.33 21.37
C CYS B 115 -9.14 23.67 19.97
N ALA B 116 -9.98 24.32 19.14
CA ALA B 116 -9.65 24.71 17.78
C ALA B 116 -10.40 25.98 17.41
N ARG B 117 -9.83 26.75 16.48
CA ARG B 117 -10.43 27.98 15.97
C ARG B 117 -11.18 27.70 14.66
N GLY B 118 -12.20 28.50 14.36
CA GLY B 118 -13.03 28.35 13.18
C GLY B 118 -12.63 29.18 11.97
N ASP B 119 -13.57 29.22 10.97
CA ASP B 119 -13.69 29.86 9.62
C ASP B 119 -14.26 28.91 8.57
N GLY B 120 -13.43 28.06 7.97
CA GLY B 120 -13.92 27.03 7.06
C GLY B 120 -14.30 25.78 7.85
N GLY B 121 -13.34 25.34 8.65
CA GLY B 121 -13.41 24.22 9.56
C GLY B 121 -12.54 24.49 10.77
N LEU B 122 -12.11 23.44 11.44
CA LEU B 122 -11.32 23.58 12.66
C LEU B 122 -9.84 23.58 12.39
N ASP B 123 -9.19 24.62 12.84
CA ASP B 123 -7.77 24.77 12.58
C ASP B 123 -7.00 25.05 13.83
N ASP B 124 -5.67 24.90 13.75
CA ASP B 124 -4.68 25.15 14.82
C ASP B 124 -4.99 24.46 16.15
N TRP B 125 -5.44 23.20 16.06
CA TRP B 125 -5.73 22.31 17.21
C TRP B 125 -4.52 22.32 18.14
N GLY B 126 -4.78 22.34 19.44
CA GLY B 126 -3.71 22.30 20.43
C GLY B 126 -3.29 20.86 20.64
N GLN B 127 -2.31 20.64 21.54
CA GLN B 127 -1.78 19.32 21.92
C GLN B 127 -2.85 18.50 22.66
N GLY B 128 -3.80 19.20 23.29
CA GLY B 128 -4.90 18.60 24.03
C GLY B 128 -4.59 18.38 25.49
N THR B 129 -5.63 18.33 26.33
CA THR B 129 -5.48 18.03 27.76
C THR B 129 -6.26 16.72 28.12
N LEU B 130 -5.61 15.76 28.81
CA LEU B 130 -6.24 14.51 29.25
C LEU B 130 -7.10 14.69 30.50
N VAL B 131 -8.37 14.26 30.41
CA VAL B 131 -9.30 14.26 31.52
C VAL B 131 -9.57 12.78 31.79
N THR B 132 -9.28 12.31 33.03
CA THR B 132 -9.53 10.94 33.48
C THR B 132 -10.57 10.98 34.58
N VAL B 133 -11.73 10.35 34.34
CA VAL B 133 -12.81 10.28 35.30
C VAL B 133 -12.76 8.90 35.93
N SER B 134 -12.26 8.82 37.17
CA SER B 134 -12.07 7.55 37.88
C SER B 134 -11.95 7.77 39.40
N SER B 135 -12.29 6.73 40.17
CA SER B 135 -12.19 6.69 41.64
C SER B 135 -10.92 5.95 42.08
N ALA B 136 -10.11 5.49 41.11
CA ALA B 136 -8.86 4.76 41.39
C ALA B 136 -7.82 5.77 41.88
N SER B 137 -6.93 5.33 42.77
CA SER B 137 -5.90 6.18 43.36
C SER B 137 -4.81 6.54 42.40
N THR B 138 -4.24 7.74 42.61
CA THR B 138 -3.02 8.16 41.91
C THR B 138 -1.88 7.29 42.47
N LYS B 139 -1.03 6.73 41.60
CA LYS B 139 0.12 5.90 41.91
C LYS B 139 1.30 6.19 40.98
N GLY B 140 2.45 6.50 41.58
CA GLY B 140 3.67 6.80 40.85
C GLY B 140 4.35 5.55 40.33
N PRO B 141 5.05 5.62 39.19
CA PRO B 141 5.74 4.42 38.69
C PRO B 141 7.09 4.14 39.34
N SER B 142 7.56 2.94 39.07
CA SER B 142 8.88 2.43 39.37
C SER B 142 9.57 2.35 38.00
N VAL B 143 10.81 2.87 37.90
CA VAL B 143 11.55 2.88 36.64
C VAL B 143 12.72 1.91 36.73
N PHE B 144 12.73 0.90 35.84
CA PHE B 144 13.78 -0.12 35.83
C PHE B 144 14.53 -0.10 34.49
N PRO B 145 15.87 -0.30 34.50
CA PRO B 145 16.60 -0.26 33.21
C PRO B 145 16.50 -1.53 32.41
N LEU B 146 16.46 -1.40 31.09
CA LEU B 146 16.48 -2.51 30.14
C LEU B 146 17.90 -2.39 29.56
N ALA B 147 18.88 -3.03 30.24
CA ALA B 147 20.31 -2.91 29.91
C ALA B 147 20.78 -3.72 28.69
N PRO B 148 21.62 -3.07 27.83
CA PRO B 148 22.21 -3.80 26.70
C PRO B 148 23.21 -4.84 27.20
N SER B 149 23.19 -6.00 26.54
CA SER B 149 24.04 -7.13 26.83
C SER B 149 25.36 -7.04 26.05
N SER B 150 26.40 -7.73 26.55
CA SER B 150 27.70 -7.83 25.89
C SER B 150 27.60 -8.80 24.69
N LYS B 151 26.66 -9.76 24.76
CA LYS B 151 26.41 -10.76 23.71
C LYS B 151 25.69 -10.14 22.52
N GLY B 156 26.45 -4.32 14.83
CA GLY B 156 26.90 -2.95 15.03
C GLY B 156 25.95 -2.05 15.81
N THR B 157 24.69 -2.50 16.00
CA THR B 157 23.68 -1.72 16.74
C THR B 157 23.30 -2.45 18.03
N ALA B 158 23.12 -1.67 19.10
CA ALA B 158 22.72 -2.14 20.43
C ALA B 158 21.38 -1.51 20.83
N ALA B 159 20.54 -2.23 21.57
CA ALA B 159 19.28 -1.68 22.06
C ALA B 159 19.30 -1.60 23.58
N LEU B 160 18.62 -0.59 24.12
CA LEU B 160 18.49 -0.35 25.57
C LEU B 160 17.18 0.41 25.86
N GLY B 161 16.79 0.47 27.12
CA GLY B 161 15.56 1.15 27.47
C GLY B 161 15.24 1.25 28.94
N CYS B 162 14.03 1.70 29.23
CA CYS B 162 13.47 1.86 30.56
C CYS B 162 12.06 1.28 30.63
N LEU B 163 11.81 0.49 31.66
CA LEU B 163 10.51 -0.09 31.95
C LEU B 163 9.87 0.79 33.04
N VAL B 164 8.74 1.40 32.71
CA VAL B 164 8.00 2.33 33.56
C VAL B 164 6.74 1.56 33.97
N LYS B 165 6.78 1.05 35.19
CA LYS B 165 5.82 0.08 35.72
C LYS B 165 4.97 0.52 36.90
N ASP B 166 3.71 0.06 36.88
CA ASP B 166 2.70 0.21 37.93
C ASP B 166 2.36 1.65 38.26
N TYR B 167 1.75 2.36 37.31
CA TYR B 167 1.32 3.72 37.61
C TYR B 167 -0.16 3.91 37.27
N PHE B 168 -0.74 4.99 37.77
CA PHE B 168 -2.11 5.38 37.48
C PHE B 168 -2.23 6.82 37.91
N PRO B 169 -2.95 7.69 37.17
CA PRO B 169 -3.54 7.46 35.83
C PRO B 169 -2.48 7.74 34.74
N GLU B 170 -2.91 7.75 33.49
CA GLU B 170 -2.08 8.19 32.36
C GLU B 170 -2.00 9.71 32.50
N PRO B 171 -1.02 10.41 31.89
CA PRO B 171 0.07 9.89 31.07
C PRO B 171 1.41 9.84 31.82
N VAL B 172 2.37 9.28 31.17
CA VAL B 172 3.73 9.28 31.61
C VAL B 172 4.51 9.80 30.39
N THR B 173 5.52 10.67 30.59
CA THR B 173 6.37 11.10 29.46
C THR B 173 7.77 10.54 29.67
N VAL B 174 8.41 10.11 28.56
CA VAL B 174 9.79 9.61 28.58
C VAL B 174 10.62 10.36 27.54
N SER B 175 11.79 10.83 27.96
CA SER B 175 12.76 11.45 27.07
C SER B 175 14.07 10.74 27.32
N TRP B 176 15.03 10.85 26.38
CA TRP B 176 16.34 10.22 26.54
C TRP B 176 17.41 11.31 26.49
N ASN B 177 18.36 11.26 27.45
CA ASN B 177 19.47 12.22 27.59
C ASN B 177 18.96 13.67 27.55
N SER B 178 17.88 13.94 28.32
CA SER B 178 17.21 15.24 28.46
C SER B 178 16.73 15.84 27.13
N GLY B 179 16.41 14.97 26.18
CA GLY B 179 15.96 15.35 24.86
C GLY B 179 17.05 15.37 23.79
N ALA B 180 18.32 15.16 24.19
CA ALA B 180 19.45 15.12 23.24
C ALA B 180 19.46 13.84 22.38
N LEU B 181 18.70 12.80 22.79
CA LEU B 181 18.59 11.55 22.05
C LEU B 181 17.11 11.30 21.66
N THR B 182 16.80 11.39 20.35
CA THR B 182 15.46 11.22 19.77
C THR B 182 15.42 10.17 18.68
N SER B 183 16.52 10.03 17.94
CA SER B 183 16.67 9.09 16.84
C SER B 183 16.70 7.67 17.35
N GLY B 184 15.87 6.83 16.74
CA GLY B 184 15.74 5.41 17.08
C GLY B 184 14.99 5.10 18.37
N VAL B 185 14.32 6.10 18.97
CA VAL B 185 13.54 5.94 20.21
C VAL B 185 12.12 5.44 19.87
N HIS B 186 11.65 4.44 20.60
CA HIS B 186 10.28 3.95 20.53
C HIS B 186 9.76 3.87 21.96
N THR B 187 8.80 4.74 22.29
CA THR B 187 8.11 4.72 23.58
C THR B 187 6.78 3.99 23.29
N PHE B 188 6.64 2.80 23.86
CA PHE B 188 5.46 1.97 23.61
C PHE B 188 4.20 2.54 24.21
N PRO B 189 3.03 2.35 23.58
CA PRO B 189 1.76 2.74 24.25
C PRO B 189 1.64 2.03 25.60
N ALA B 190 1.05 2.69 26.59
CA ALA B 190 0.87 2.05 27.89
C ALA B 190 -0.20 0.97 27.80
N VAL B 191 0.03 -0.13 28.54
CA VAL B 191 -0.92 -1.25 28.61
CA VAL B 191 -0.94 -1.22 28.62
C VAL B 191 -1.41 -1.36 30.05
N LEU B 192 -2.71 -1.57 30.19
CA LEU B 192 -3.39 -1.76 31.45
C LEU B 192 -3.11 -3.22 31.87
N GLN B 193 -2.47 -3.40 33.01
CA GLN B 193 -2.13 -4.71 33.58
C GLN B 193 -3.34 -5.31 34.30
N SER B 194 -3.21 -6.61 34.66
CA SER B 194 -4.26 -7.34 35.35
C SER B 194 -4.67 -6.68 36.68
N SER B 195 -3.72 -5.91 37.29
CA SER B 195 -3.88 -5.17 38.52
C SER B 195 -4.73 -3.91 38.33
N GLY B 196 -4.79 -3.40 37.10
CA GLY B 196 -5.44 -2.12 36.78
C GLY B 196 -4.47 -0.95 36.80
N LEU B 197 -3.15 -1.23 36.92
CA LEU B 197 -2.09 -0.23 36.87
C LEU B 197 -1.45 -0.28 35.50
N TYR B 198 -1.03 0.88 34.98
CA TYR B 198 -0.43 0.93 33.66
C TYR B 198 1.04 0.58 33.72
N SER B 199 1.58 0.18 32.57
CA SER B 199 2.99 -0.14 32.42
C SER B 199 3.41 0.09 31.00
N LEU B 200 4.61 0.66 30.81
CA LEU B 200 5.18 0.84 29.46
C LEU B 200 6.69 0.72 29.47
N SER B 201 7.28 0.46 28.29
CA SER B 201 8.71 0.49 28.09
C SER B 201 9.02 1.51 26.99
N SER B 202 10.14 2.23 27.15
CA SER B 202 10.72 3.14 26.16
C SER B 202 12.09 2.53 25.80
N VAL B 203 12.32 2.35 24.50
CA VAL B 203 13.55 1.75 23.99
C VAL B 203 14.24 2.68 22.98
N VAL B 204 15.57 2.45 22.77
CA VAL B 204 16.41 3.17 21.80
C VAL B 204 17.52 2.23 21.27
N THR B 205 17.71 2.22 19.94
CA THR B 205 18.78 1.49 19.29
C THR B 205 19.85 2.51 19.04
N VAL B 206 21.07 2.19 19.49
CA VAL B 206 22.26 3.04 19.37
C VAL B 206 23.42 2.25 18.74
N PRO B 207 24.50 2.88 18.24
CA PRO B 207 25.65 2.09 17.78
C PRO B 207 26.36 1.43 19.00
N SER B 208 26.71 0.14 18.88
CA SER B 208 27.42 -0.64 19.90
C SER B 208 28.77 0.02 20.26
N SER B 209 29.36 0.75 19.29
CA SER B 209 30.61 1.49 19.39
C SER B 209 30.57 2.60 20.44
N SER B 210 29.36 3.11 20.75
CA SER B 210 29.17 4.18 21.73
C SER B 210 29.00 3.66 23.16
N LEU B 211 28.69 2.36 23.33
CA LEU B 211 28.40 1.74 24.64
C LEU B 211 29.50 1.87 25.71
N GLY B 212 30.74 2.13 25.28
CA GLY B 212 31.87 2.28 26.20
C GLY B 212 31.95 3.64 26.87
N THR B 213 31.67 4.72 26.10
CA THR B 213 31.76 6.10 26.58
C THR B 213 30.42 6.82 26.77
N GLN B 214 29.45 6.63 25.85
CA GLN B 214 28.17 7.33 25.90
C GLN B 214 27.27 6.90 27.05
N THR B 215 26.82 7.88 27.87
CA THR B 215 25.90 7.60 28.98
C THR B 215 24.47 7.71 28.46
N TYR B 216 23.60 6.77 28.86
CA TYR B 216 22.18 6.76 28.48
C TYR B 216 21.25 6.87 29.70
N ILE B 217 20.50 7.97 29.76
CA ILE B 217 19.56 8.28 30.84
C ILE B 217 18.17 8.53 30.28
N CYS B 218 17.17 7.80 30.82
CA CYS B 218 15.75 8.00 30.45
C CYS B 218 15.14 8.95 31.48
N ASN B 219 14.48 10.00 31.00
CA ASN B 219 13.86 10.97 31.88
C ASN B 219 12.36 10.72 31.91
N VAL B 220 11.90 10.12 33.01
CA VAL B 220 10.50 9.75 33.23
C VAL B 220 9.81 10.80 34.09
N ASN B 221 8.64 11.27 33.64
CA ASN B 221 7.83 12.20 34.43
C ASN B 221 6.40 11.71 34.46
N HIS B 222 5.84 11.55 35.67
CA HIS B 222 4.45 11.18 35.92
C HIS B 222 3.91 12.29 36.77
N LYS B 223 3.55 13.42 36.12
CA LYS B 223 2.97 14.62 36.75
C LYS B 223 1.75 14.33 37.66
N PRO B 224 0.79 13.42 37.30
CA PRO B 224 -0.31 13.14 38.24
C PRO B 224 0.14 12.73 39.65
N SER B 225 1.33 12.11 39.80
CA SER B 225 1.81 11.71 41.14
C SER B 225 3.03 12.52 41.61
N ASN B 226 3.41 13.58 40.88
CA ASN B 226 4.61 14.37 41.19
C ASN B 226 5.89 13.49 41.19
N THR B 227 5.93 12.48 40.27
CA THR B 227 7.07 11.55 40.13
C THR B 227 7.94 11.93 38.94
N LYS B 228 9.15 12.34 39.22
CA LYS B 228 10.11 12.73 38.19
C LYS B 228 11.31 11.86 38.51
N VAL B 229 11.70 10.97 37.57
CA VAL B 229 12.79 10.01 37.74
C VAL B 229 13.75 10.05 36.54
N ASP B 230 15.06 10.20 36.82
CA ASP B 230 16.11 10.09 35.80
C ASP B 230 16.83 8.78 36.11
N LYS B 231 16.83 7.84 35.17
CA LYS B 231 17.45 6.53 35.39
C LYS B 231 18.51 6.23 34.32
N LYS B 232 19.76 6.00 34.80
CA LYS B 232 20.90 5.65 33.95
C LYS B 232 20.83 4.16 33.62
N VAL B 233 20.95 3.84 32.33
CA VAL B 233 20.90 2.47 31.86
C VAL B 233 22.33 2.10 31.45
N GLU B 234 22.99 1.23 32.22
CA GLU B 234 24.35 0.86 31.84
C GLU B 234 24.50 -0.62 31.51
N PRO B 235 25.33 -0.93 30.48
CA PRO B 235 25.51 -2.34 30.08
C PRO B 235 26.38 -3.16 31.03
CA GLU C 20 12.38 -13.75 1.30
C GLU C 20 12.21 -14.95 0.36
N VAL C 21 10.95 -15.32 0.08
CA VAL C 21 10.65 -16.43 -0.83
C VAL C 21 10.85 -16.01 -2.29
N GLN C 22 11.64 -16.80 -3.03
CA GLN C 22 11.95 -16.56 -4.43
C GLN C 22 11.90 -17.83 -5.24
N LEU C 23 11.03 -17.84 -6.25
CA LEU C 23 10.87 -18.90 -7.24
C LEU C 23 11.28 -18.23 -8.57
N VAL C 24 12.23 -18.84 -9.30
CA VAL C 24 12.74 -18.27 -10.56
C VAL C 24 12.70 -19.32 -11.67
N GLU C 25 11.93 -19.05 -12.73
CA GLU C 25 11.78 -19.94 -13.90
C GLU C 25 12.88 -19.66 -14.92
N SER C 26 13.35 -20.68 -15.65
CA SER C 26 14.38 -20.54 -16.69
C SER C 26 14.30 -21.68 -17.68
N GLY C 27 15.02 -21.51 -18.79
CA GLY C 27 15.12 -22.51 -19.84
C GLY C 27 14.07 -22.40 -20.92
N GLY C 28 13.30 -21.32 -20.87
CA GLY C 28 12.29 -21.05 -21.88
C GLY C 28 12.94 -20.32 -23.03
N GLY C 29 12.51 -20.59 -24.24
CA GLY C 29 13.03 -19.94 -25.44
C GLY C 29 12.29 -20.37 -26.67
N LEU C 30 12.84 -20.00 -27.83
CA LEU C 30 12.36 -20.34 -29.16
C LEU C 30 12.77 -21.80 -29.43
N VAL C 31 11.81 -22.61 -29.82
CA VAL C 31 12.02 -24.03 -30.07
C VAL C 31 11.24 -24.45 -31.28
N GLN C 32 11.84 -25.32 -32.11
CA GLN C 32 11.25 -25.84 -33.34
C GLN C 32 9.99 -26.66 -33.01
N PRO C 33 8.94 -26.65 -33.86
CA PRO C 33 7.82 -27.60 -33.64
C PRO C 33 8.33 -29.05 -33.66
N GLY C 34 7.90 -29.85 -32.68
CA GLY C 34 8.33 -31.24 -32.51
C GLY C 34 9.55 -31.36 -31.63
N GLY C 35 10.15 -30.21 -31.28
CA GLY C 35 11.31 -30.15 -30.42
C GLY C 35 10.99 -30.35 -28.95
N SER C 36 12.04 -30.35 -28.14
CA SER C 36 11.96 -30.56 -26.72
C SER C 36 12.60 -29.41 -26.01
N LEU C 37 12.21 -29.22 -24.75
CA LEU C 37 12.74 -28.17 -23.90
C LEU C 37 12.63 -28.62 -22.47
N ARG C 38 13.61 -28.28 -21.62
CA ARG C 38 13.53 -28.59 -20.20
C ARG C 38 13.53 -27.29 -19.41
N LEU C 39 12.45 -27.03 -18.66
CA LEU C 39 12.36 -25.83 -17.80
C LEU C 39 12.87 -26.14 -16.43
N SER C 40 13.39 -25.12 -15.77
CA SER C 40 13.87 -25.18 -14.40
C SER C 40 13.14 -24.11 -13.59
N CYS C 41 12.98 -24.35 -12.28
CA CYS C 41 12.37 -23.42 -11.32
C CYS C 41 13.21 -23.49 -10.06
N SER C 42 14.02 -22.47 -9.85
CA SER C 42 14.94 -22.37 -8.73
C SER C 42 14.23 -21.77 -7.52
N ALA C 43 14.35 -22.44 -6.35
CA ALA C 43 13.71 -22.03 -5.11
C ALA C 43 14.71 -21.52 -4.08
N SER C 44 14.30 -20.54 -3.26
CA SER C 44 15.11 -19.98 -2.18
C SER C 44 14.23 -19.27 -1.16
N GLY C 45 14.66 -19.29 0.10
CA GLY C 45 14.00 -18.59 1.21
C GLY C 45 12.97 -19.38 1.99
N PHE C 46 12.83 -20.68 1.69
CA PHE C 46 11.88 -21.58 2.37
C PHE C 46 12.37 -23.02 2.29
N SER C 47 11.71 -23.93 3.02
CA SER C 47 12.05 -25.36 3.01
C SER C 47 11.36 -25.98 1.79
N PHE C 48 12.08 -26.01 0.66
CA PHE C 48 11.60 -26.55 -0.61
C PHE C 48 10.97 -27.94 -0.52
N ASN C 49 11.66 -28.90 0.14
CA ASN C 49 11.19 -30.29 0.31
C ASN C 49 9.88 -30.41 1.11
N SER C 50 9.45 -29.33 1.80
CA SER C 50 8.25 -29.30 2.64
C SER C 50 6.99 -28.93 1.87
N PHE C 51 7.11 -28.55 0.58
CA PHE C 51 5.94 -28.12 -0.17
C PHE C 51 5.72 -28.80 -1.49
N TRP C 52 4.45 -28.86 -1.91
CA TRP C 52 4.02 -29.30 -3.23
C TRP C 52 4.44 -28.17 -4.19
N MET C 53 4.65 -28.50 -5.48
CA MET C 53 5.07 -27.52 -6.49
C MET C 53 4.23 -27.70 -7.74
N HIS C 54 3.82 -26.57 -8.37
CA HIS C 54 3.00 -26.60 -9.58
C HIS C 54 3.65 -25.86 -10.75
N TRP C 55 3.25 -26.21 -11.98
CA TRP C 55 3.57 -25.53 -13.22
C TRP C 55 2.19 -25.16 -13.78
N VAL C 56 2.05 -23.88 -14.20
CA VAL C 56 0.85 -23.23 -14.75
C VAL C 56 1.36 -22.40 -15.95
N ARG C 57 0.62 -22.42 -17.05
CA ARG C 57 1.00 -21.64 -18.23
C ARG C 57 -0.05 -20.60 -18.62
N GLN C 58 0.37 -19.62 -19.41
CA GLN C 58 -0.52 -18.58 -19.87
C GLN C 58 -0.12 -18.13 -21.27
N VAL C 59 -0.97 -18.46 -22.24
CA VAL C 59 -0.81 -18.04 -23.63
C VAL C 59 -1.00 -16.52 -23.55
N PRO C 60 -0.06 -15.70 -24.12
CA PRO C 60 -0.17 -14.23 -23.95
C PRO C 60 -1.56 -13.69 -24.26
N GLY C 61 -2.10 -12.92 -23.31
CA GLY C 61 -3.45 -12.37 -23.40
C GLY C 61 -4.59 -13.34 -23.04
N LYS C 62 -4.25 -14.60 -22.65
CA LYS C 62 -5.25 -15.63 -22.26
C LYS C 62 -5.23 -15.93 -20.75
N GLY C 63 -5.98 -16.94 -20.31
CA GLY C 63 -6.07 -17.27 -18.89
C GLY C 63 -5.03 -18.23 -18.38
N LEU C 64 -4.98 -18.38 -17.05
CA LEU C 64 -4.08 -19.29 -16.35
C LEU C 64 -4.56 -20.72 -16.63
N VAL C 65 -3.63 -21.61 -17.03
CA VAL C 65 -3.96 -23.00 -17.33
C VAL C 65 -3.06 -23.88 -16.48
N TRP C 66 -3.63 -24.62 -15.48
CA TRP C 66 -2.83 -25.52 -14.63
C TRP C 66 -2.23 -26.62 -15.50
N ILE C 67 -0.95 -26.90 -15.33
CA ILE C 67 -0.30 -27.86 -16.25
C ILE C 67 0.13 -29.14 -15.53
N SER C 68 0.76 -29.00 -14.35
CA SER C 68 1.28 -30.14 -13.63
C SER C 68 1.54 -29.78 -12.19
N PHE C 69 1.69 -30.79 -11.34
CA PHE C 69 2.06 -30.63 -9.92
C PHE C 69 2.87 -31.82 -9.46
N THR C 70 3.57 -31.65 -8.34
CA THR C 70 4.38 -32.66 -7.69
C THR C 70 4.25 -32.50 -6.19
N ASN C 71 4.25 -33.62 -5.44
CA ASN C 71 4.21 -33.54 -3.98
C ASN C 71 5.65 -33.32 -3.48
N ASN C 72 5.84 -33.25 -2.14
CA ASN C 72 7.13 -32.96 -1.51
C ASN C 72 8.32 -33.78 -2.03
N GLU C 73 8.14 -35.09 -2.30
CA GLU C 73 9.22 -35.96 -2.74
C GLU C 73 9.15 -36.41 -4.22
N GLY C 74 8.18 -35.92 -4.98
CA GLY C 74 8.03 -36.26 -6.40
C GLY C 74 7.42 -37.63 -6.62
N THR C 75 6.77 -38.14 -5.57
CA THR C 75 6.09 -39.42 -5.47
C THR C 75 4.73 -39.36 -6.21
N THR C 76 3.93 -38.31 -5.93
CA THR C 76 2.63 -38.10 -6.58
C THR C 76 2.77 -36.93 -7.54
N THR C 77 2.33 -37.15 -8.78
CA THR C 77 2.38 -36.19 -9.86
C THR C 77 1.12 -36.32 -10.67
N ALA C 78 0.75 -35.25 -11.37
CA ALA C 78 -0.38 -35.22 -12.29
C ALA C 78 -0.12 -34.13 -13.34
N TYR C 79 -0.85 -34.21 -14.44
CA TYR C 79 -0.71 -33.36 -15.60
C TYR C 79 -2.07 -33.04 -16.16
N ALA C 80 -2.16 -31.95 -16.95
CA ALA C 80 -3.38 -31.61 -17.68
C ALA C 80 -3.45 -32.56 -18.89
N ASP C 81 -4.65 -32.76 -19.47
CA ASP C 81 -4.89 -33.61 -20.64
C ASP C 81 -4.03 -33.20 -21.82
N SER C 82 -3.94 -31.87 -22.08
CA SER C 82 -3.21 -31.28 -23.20
C SER C 82 -1.72 -31.60 -23.25
N VAL C 83 -1.10 -31.90 -22.10
CA VAL C 83 0.35 -32.14 -22.01
C VAL C 83 0.72 -33.56 -21.53
N ARG C 84 -0.27 -34.34 -21.01
CA ARG C 84 -0.01 -35.70 -20.50
C ARG C 84 0.58 -36.63 -21.57
N GLY C 85 1.66 -37.30 -21.20
CA GLY C 85 2.40 -38.16 -22.10
C GLY C 85 3.54 -37.46 -22.82
N ARG C 86 3.54 -36.09 -22.83
CA ARG C 86 4.57 -35.25 -23.49
C ARG C 86 5.47 -34.53 -22.51
N PHE C 87 4.96 -34.22 -21.31
CA PHE C 87 5.68 -33.46 -20.29
C PHE C 87 5.94 -34.33 -19.06
N ILE C 88 7.06 -34.07 -18.38
CA ILE C 88 7.44 -34.80 -17.18
C ILE C 88 7.90 -33.80 -16.15
N ILE C 89 7.19 -33.73 -15.03
CA ILE C 89 7.55 -32.91 -13.89
C ILE C 89 8.50 -33.77 -13.06
N SER C 90 9.44 -33.13 -12.37
CA SER C 90 10.38 -33.77 -11.47
C SER C 90 10.93 -32.68 -10.61
N ARG C 91 11.59 -33.05 -9.52
CA ARG C 91 12.22 -32.10 -8.60
C ARG C 91 13.49 -32.70 -8.03
N ASP C 92 14.44 -31.84 -7.66
CA ASP C 92 15.68 -32.21 -7.02
C ASP C 92 15.73 -31.38 -5.75
N ASN C 93 15.24 -31.98 -4.64
CA ASN C 93 15.17 -31.34 -3.33
C ASN C 93 16.54 -30.94 -2.78
N ALA C 94 17.60 -31.71 -3.12
CA ALA C 94 18.97 -31.40 -2.71
C ALA C 94 19.47 -30.12 -3.42
N LYS C 95 19.03 -29.90 -4.67
CA LYS C 95 19.41 -28.74 -5.48
C LYS C 95 18.41 -27.55 -5.41
N ASN C 96 17.20 -27.74 -4.81
CA ASN C 96 16.12 -26.73 -4.67
C ASN C 96 15.59 -26.32 -6.04
N THR C 97 15.46 -27.31 -6.94
CA THR C 97 15.04 -27.05 -8.30
C THR C 97 13.86 -27.95 -8.70
N LEU C 98 12.88 -27.34 -9.37
CA LEU C 98 11.71 -27.99 -9.93
C LEU C 98 11.96 -28.03 -11.46
N TYR C 99 11.58 -29.13 -12.12
CA TYR C 99 11.78 -29.24 -13.55
C TYR C 99 10.52 -29.55 -14.28
N LEU C 100 10.52 -29.26 -15.58
CA LEU C 100 9.48 -29.61 -16.53
C LEU C 100 10.13 -29.95 -17.85
N GLU C 101 10.17 -31.26 -18.14
CA GLU C 101 10.71 -31.75 -19.40
C GLU C 101 9.54 -31.76 -20.35
N MET C 102 9.67 -31.05 -21.47
CA MET C 102 8.63 -30.89 -22.48
C MET C 102 9.11 -31.53 -23.76
N ASN C 103 8.26 -32.34 -24.42
CA ASN C 103 8.60 -33.05 -25.65
C ASN C 103 7.50 -32.90 -26.67
N ASN C 104 7.84 -33.09 -27.95
CA ASN C 104 6.92 -32.95 -29.09
C ASN C 104 6.10 -31.66 -28.94
N LEU C 105 6.80 -30.53 -28.85
CA LEU C 105 6.22 -29.20 -28.64
C LEU C 105 5.56 -28.64 -29.87
N ARG C 106 4.37 -28.06 -29.71
CA ARG C 106 3.58 -27.47 -30.80
C ARG C 106 3.10 -26.05 -30.46
N GLY C 107 2.53 -25.39 -31.46
CA GLY C 107 1.97 -24.04 -31.37
C GLY C 107 1.15 -23.77 -30.13
N GLU C 108 0.32 -24.74 -29.69
CA GLU C 108 -0.52 -24.61 -28.48
C GLU C 108 0.29 -24.59 -27.15
N ASP C 109 1.57 -24.98 -27.20
CA ASP C 109 2.45 -24.96 -26.03
C ASP C 109 3.11 -23.59 -25.82
N THR C 110 3.01 -22.69 -26.82
CA THR C 110 3.57 -21.33 -26.72
C THR C 110 2.83 -20.62 -25.60
N ALA C 111 3.57 -20.25 -24.55
CA ALA C 111 2.99 -19.58 -23.39
C ALA C 111 4.11 -19.19 -22.46
N VAL C 112 3.75 -18.39 -21.43
CA VAL C 112 4.61 -18.09 -20.30
C VAL C 112 4.32 -19.24 -19.29
N TYR C 113 5.36 -19.87 -18.76
CA TYR C 113 5.28 -20.96 -17.79
C TYR C 113 5.72 -20.43 -16.46
N TYR C 114 4.85 -20.59 -15.47
CA TYR C 114 5.10 -20.19 -14.09
C TYR C 114 5.20 -21.41 -13.21
N CYS C 115 6.02 -21.32 -12.17
CA CYS C 115 6.05 -22.32 -11.13
C CYS C 115 5.56 -21.59 -9.86
N ALA C 116 4.92 -22.34 -8.95
CA ALA C 116 4.33 -21.81 -7.71
C ALA C 116 4.35 -22.88 -6.64
N ARG C 117 4.57 -22.48 -5.37
CA ARG C 117 4.57 -23.42 -4.25
C ARG C 117 3.18 -23.59 -3.65
N GLY C 118 2.95 -24.80 -3.15
CA GLY C 118 1.70 -25.17 -2.50
C GLY C 118 1.64 -24.73 -1.05
N ASP C 119 0.54 -25.18 -0.37
CA ASP C 119 0.07 -24.98 1.02
C ASP C 119 -1.10 -23.99 1.10
N GLY C 120 -2.30 -24.53 0.88
CA GLY C 120 -3.54 -23.76 0.88
C GLY C 120 -3.97 -23.46 -0.55
N GLY C 121 -3.13 -22.71 -1.24
CA GLY C 121 -3.26 -22.35 -2.67
C GLY C 121 -1.89 -22.21 -3.28
N LEU C 122 -1.81 -21.70 -4.54
CA LEU C 122 -0.55 -21.50 -5.25
C LEU C 122 -0.01 -20.13 -4.94
N ASP C 123 1.16 -20.13 -4.31
CA ASP C 123 1.77 -18.93 -3.84
C ASP C 123 3.22 -18.72 -4.35
N ASP C 124 3.70 -17.50 -4.20
CA ASP C 124 5.04 -17.03 -4.55
C ASP C 124 5.43 -17.33 -6.02
N TRP C 125 4.45 -17.18 -6.93
CA TRP C 125 4.64 -17.38 -8.37
C TRP C 125 5.84 -16.59 -8.87
N GLY C 126 6.67 -17.21 -9.70
CA GLY C 126 7.81 -16.52 -10.30
C GLY C 126 7.36 -15.58 -11.40
N GLN C 127 8.32 -14.97 -12.11
CA GLN C 127 8.03 -14.05 -13.20
C GLN C 127 7.56 -14.77 -14.48
N GLY C 128 7.84 -16.07 -14.51
CA GLY C 128 7.53 -16.92 -15.64
C GLY C 128 8.61 -16.91 -16.71
N THR C 129 8.67 -17.97 -17.50
CA THR C 129 9.63 -18.10 -18.59
C THR C 129 8.84 -18.37 -19.87
N LEU C 130 9.07 -17.54 -20.92
CA LEU C 130 8.35 -17.66 -22.19
C LEU C 130 8.89 -18.75 -23.12
N VAL C 131 7.96 -19.59 -23.61
CA VAL C 131 8.26 -20.67 -24.56
C VAL C 131 7.58 -20.31 -25.86
N THR C 132 8.35 -20.28 -26.98
CA THR C 132 7.88 -19.95 -28.32
C THR C 132 8.14 -21.13 -29.23
N VAL C 133 7.05 -21.75 -29.71
CA VAL C 133 7.14 -22.91 -30.59
C VAL C 133 6.95 -22.42 -32.00
N SER C 134 8.04 -22.40 -32.76
CA SER C 134 8.05 -21.78 -34.07
C SER C 134 9.28 -22.24 -34.86
N SER C 135 9.17 -22.17 -36.18
CA SER C 135 10.25 -22.51 -37.08
C SER C 135 10.89 -21.18 -37.61
N ALA C 136 10.36 -20.04 -37.16
CA ALA C 136 10.89 -18.72 -37.52
C ALA C 136 12.22 -18.43 -36.80
N SER C 137 13.08 -17.68 -37.47
CA SER C 137 14.40 -17.34 -36.99
C SER C 137 14.40 -16.22 -35.96
N THR C 138 15.37 -16.28 -35.03
CA THR C 138 15.66 -15.22 -34.06
C THR C 138 16.14 -13.97 -34.84
N LYS C 139 15.55 -12.81 -34.59
CA LYS C 139 15.98 -11.56 -35.25
C LYS C 139 16.00 -10.42 -34.24
N GLY C 140 17.13 -9.71 -34.17
CA GLY C 140 17.31 -8.60 -33.27
C GLY C 140 16.61 -7.33 -33.75
N PRO C 141 16.17 -6.46 -32.85
CA PRO C 141 15.49 -5.24 -33.31
C PRO C 141 16.47 -4.16 -33.70
N SER C 142 15.94 -3.09 -34.32
CA SER C 142 16.57 -1.81 -34.58
C SER C 142 15.77 -0.89 -33.63
N VAL C 143 16.44 0.08 -33.01
CA VAL C 143 15.84 1.00 -32.05
C VAL C 143 15.93 2.40 -32.66
N PHE C 144 14.81 3.11 -32.74
CA PHE C 144 14.80 4.44 -33.36
C PHE C 144 14.25 5.43 -32.38
N PRO C 145 14.70 6.71 -32.45
CA PRO C 145 14.15 7.69 -31.51
C PRO C 145 12.76 8.18 -31.91
N LEU C 146 11.99 8.57 -30.89
CA LEU C 146 10.73 9.28 -31.04
C LEU C 146 11.11 10.62 -30.36
N ALA C 147 11.68 11.54 -31.16
CA ALA C 147 12.24 12.79 -30.64
C ALA C 147 11.20 13.82 -30.14
N PRO C 148 11.47 14.50 -29.00
CA PRO C 148 10.49 15.47 -28.50
C PRO C 148 10.28 16.64 -29.46
N SER C 149 9.02 17.10 -29.56
CA SER C 149 8.62 18.23 -30.40
C SER C 149 9.34 19.50 -29.95
N SER C 150 10.00 20.18 -30.93
CA SER C 150 10.72 21.45 -30.75
C SER C 150 9.69 22.57 -30.43
N LYS C 151 8.49 22.48 -31.02
CA LYS C 151 7.35 23.41 -30.82
C LYS C 151 6.73 23.20 -29.44
N GLY C 156 4.97 23.39 -19.20
CA GLY C 156 4.65 22.45 -20.27
C GLY C 156 5.14 21.01 -20.07
N THR C 157 4.49 20.07 -20.81
CA THR C 157 4.82 18.64 -20.83
C THR C 157 5.22 18.20 -22.24
N ALA C 158 6.40 17.55 -22.37
CA ALA C 158 6.85 17.03 -23.65
C ALA C 158 6.83 15.48 -23.61
N ALA C 159 6.77 14.84 -24.77
CA ALA C 159 6.83 13.38 -24.84
C ALA C 159 7.98 12.97 -25.73
N LEU C 160 8.60 11.86 -25.39
CA LEU C 160 9.68 11.32 -26.19
C LEU C 160 9.68 9.80 -25.99
N GLY C 161 10.36 9.08 -26.85
CA GLY C 161 10.41 7.64 -26.68
C GLY C 161 11.36 6.95 -27.61
N CYS C 162 11.23 5.64 -27.67
CA CYS C 162 12.03 4.75 -28.52
C CYS C 162 11.10 3.79 -29.20
N LEU C 163 11.34 3.57 -30.47
CA LEU C 163 10.59 2.62 -31.28
C LEU C 163 11.52 1.41 -31.48
N VAL C 164 11.13 0.25 -31.00
CA VAL C 164 11.88 -1.00 -31.03
C VAL C 164 11.23 -1.88 -32.10
N LYS C 165 11.82 -1.83 -33.27
CA LYS C 165 11.31 -2.45 -34.47
C LYS C 165 11.95 -3.72 -34.95
N ASP C 166 11.07 -4.64 -35.42
CA ASP C 166 11.38 -5.83 -36.20
C ASP C 166 12.16 -6.87 -35.46
N TYR C 167 11.56 -7.43 -34.42
CA TYR C 167 12.25 -8.47 -33.68
C TYR C 167 11.42 -9.72 -33.57
N PHE C 168 12.09 -10.83 -33.28
CA PHE C 168 11.51 -12.14 -33.06
C PHE C 168 12.47 -13.02 -32.29
N PRO C 169 12.01 -13.82 -31.31
CA PRO C 169 10.64 -13.88 -30.75
C PRO C 169 10.49 -12.79 -29.70
N GLU C 170 9.38 -12.80 -28.96
CA GLU C 170 9.20 -11.91 -27.81
C GLU C 170 10.09 -12.50 -26.71
N PRO C 171 10.42 -11.77 -25.61
CA PRO C 171 10.07 -10.40 -25.32
C PRO C 171 11.27 -9.47 -25.50
N VAL C 172 10.98 -8.19 -25.34
CA VAL C 172 11.97 -7.13 -25.29
CA VAL C 172 11.93 -7.08 -25.32
C VAL C 172 11.70 -6.36 -23.98
N THR C 173 12.76 -5.96 -23.26
CA THR C 173 12.52 -5.16 -22.06
C THR C 173 13.00 -3.73 -22.41
N VAL C 174 12.34 -2.72 -21.82
CA VAL C 174 12.75 -1.34 -21.97
C VAL C 174 12.76 -0.66 -20.60
N SER C 175 13.82 0.09 -20.30
CA SER C 175 13.86 0.89 -19.10
C SER C 175 14.33 2.26 -19.57
N TRP C 176 14.19 3.27 -18.72
CA TRP C 176 14.63 4.61 -19.02
C TRP C 176 15.65 5.02 -17.95
N ASN C 177 16.80 5.57 -18.38
CA ASN C 177 17.87 6.02 -17.50
C ASN C 177 18.25 4.96 -16.48
N SER C 178 18.41 3.71 -16.98
CA SER C 178 18.78 2.50 -16.23
C SER C 178 17.88 2.20 -15.04
N GLY C 179 16.60 2.54 -15.16
CA GLY C 179 15.60 2.30 -14.13
C GLY C 179 15.31 3.46 -13.20
N ALA C 180 16.09 4.56 -13.23
CA ALA C 180 15.84 5.72 -12.38
C ALA C 180 14.62 6.52 -12.89
N LEU C 181 14.28 6.40 -14.19
CA LEU C 181 13.10 7.12 -14.68
C LEU C 181 11.97 6.11 -14.89
N THR C 182 10.92 6.19 -14.05
CA THR C 182 9.77 5.27 -14.08
C THR C 182 8.42 6.01 -14.20
N SER C 183 8.37 7.26 -13.71
CA SER C 183 7.16 8.06 -13.69
C SER C 183 6.89 8.61 -15.09
N GLY C 184 5.64 8.46 -15.54
CA GLY C 184 5.22 8.95 -16.85
C GLY C 184 5.61 8.06 -18.01
N VAL C 185 6.21 6.89 -17.72
CA VAL C 185 6.64 5.92 -18.73
C VAL C 185 5.46 5.08 -19.21
N HIS C 186 5.30 4.91 -20.53
CA HIS C 186 4.34 3.94 -21.12
C HIS C 186 5.10 3.07 -22.14
N THR C 187 5.37 1.82 -21.75
CA THR C 187 5.97 0.84 -22.65
C THR C 187 4.77 0.07 -23.15
N PHE C 188 4.49 0.21 -24.42
CA PHE C 188 3.34 -0.40 -25.06
C PHE C 188 3.48 -1.90 -25.31
N PRO C 189 2.35 -2.67 -25.28
CA PRO C 189 2.44 -4.11 -25.67
C PRO C 189 2.93 -4.20 -27.12
N ALA C 190 3.72 -5.24 -27.45
CA ALA C 190 4.21 -5.46 -28.82
C ALA C 190 3.09 -5.75 -29.76
N VAL C 191 3.21 -5.30 -31.03
CA VAL C 191 2.28 -5.60 -32.10
C VAL C 191 3.01 -6.50 -33.09
N LEU C 192 2.32 -7.54 -33.52
CA LEU C 192 2.84 -8.43 -34.52
C LEU C 192 2.51 -7.75 -35.83
N GLN C 193 3.54 -7.55 -36.67
CA GLN C 193 3.39 -6.92 -37.99
C GLN C 193 3.15 -8.00 -39.04
N SER C 194 2.64 -7.62 -40.23
CA SER C 194 2.33 -8.55 -41.34
C SER C 194 3.53 -9.42 -41.70
N SER C 195 4.76 -8.88 -41.55
CA SER C 195 6.04 -9.57 -41.78
C SER C 195 6.29 -10.75 -40.81
N GLY C 196 5.57 -10.83 -39.70
CA GLY C 196 5.78 -11.87 -38.69
C GLY C 196 6.78 -11.43 -37.64
N LEU C 197 7.19 -10.14 -37.68
CA LEU C 197 8.12 -9.58 -36.69
C LEU C 197 7.36 -8.62 -35.80
N TYR C 198 7.78 -8.53 -34.53
CA TYR C 198 7.21 -7.64 -33.54
C TYR C 198 7.78 -6.27 -33.61
N SER C 199 7.03 -5.34 -33.02
CA SER C 199 7.42 -3.96 -32.87
C SER C 199 6.76 -3.38 -31.61
N LEU C 200 7.47 -2.49 -30.90
CA LEU C 200 6.88 -1.77 -29.77
C LEU C 200 7.51 -0.42 -29.58
N SER C 201 6.78 0.48 -28.93
CA SER C 201 7.32 1.77 -28.56
C SER C 201 7.25 1.90 -27.06
N SER C 202 8.16 2.68 -26.49
CA SER C 202 8.19 3.03 -25.08
C SER C 202 8.34 4.52 -25.07
N VAL C 203 7.41 5.19 -24.40
CA VAL C 203 7.39 6.65 -24.35
C VAL C 203 7.46 7.13 -22.93
N VAL C 204 7.82 8.40 -22.76
CA VAL C 204 7.78 9.02 -21.44
C VAL C 204 7.38 10.48 -21.60
N THR C 205 6.56 11.01 -20.69
CA THR C 205 6.26 12.43 -20.72
C THR C 205 7.11 13.04 -19.62
N VAL C 206 7.74 14.18 -19.95
CA VAL C 206 8.67 14.86 -19.05
C VAL C 206 8.37 16.37 -19.09
N PRO C 207 8.93 17.18 -18.17
CA PRO C 207 8.74 18.63 -18.26
C PRO C 207 9.48 19.17 -19.49
N SER C 208 8.84 20.08 -20.24
CA SER C 208 9.43 20.70 -21.43
C SER C 208 10.72 21.46 -21.11
N SER C 209 10.83 22.02 -19.88
CA SER C 209 11.98 22.78 -19.37
C SER C 209 13.25 21.94 -19.24
N SER C 210 13.09 20.65 -18.92
CA SER C 210 14.19 19.72 -18.72
C SER C 210 14.87 19.24 -20.02
N LEU C 211 14.24 19.43 -21.19
CA LEU C 211 14.76 18.94 -22.46
C LEU C 211 16.20 19.39 -22.79
N GLY C 212 16.61 20.53 -22.26
CA GLY C 212 17.97 21.03 -22.48
C GLY C 212 18.98 20.49 -21.49
N THR C 213 18.60 20.42 -20.20
CA THR C 213 19.45 19.97 -19.08
C THR C 213 19.49 18.43 -18.84
N GLN C 214 18.32 17.74 -18.78
CA GLN C 214 18.22 16.32 -18.45
C GLN C 214 18.40 15.38 -19.64
N THR C 215 19.19 14.32 -19.46
CA THR C 215 19.39 13.35 -20.54
C THR C 215 18.37 12.22 -20.39
N TYR C 216 17.94 11.68 -21.52
CA TYR C 216 16.95 10.60 -21.56
C TYR C 216 17.47 9.50 -22.43
N ILE C 217 17.68 8.34 -21.83
CA ILE C 217 18.21 7.16 -22.50
C ILE C 217 17.28 5.98 -22.30
N CYS C 218 16.85 5.31 -23.40
CA CYS C 218 16.07 4.10 -23.26
C CYS C 218 17.06 2.93 -23.33
N ASN C 219 16.95 2.00 -22.39
CA ASN C 219 17.77 0.80 -22.32
C ASN C 219 16.93 -0.33 -22.82
N VAL C 220 17.26 -0.80 -24.02
CA VAL C 220 16.55 -1.87 -24.69
C VAL C 220 17.35 -3.19 -24.60
N ASN C 221 16.67 -4.27 -24.28
CA ASN C 221 17.31 -5.57 -24.25
C ASN C 221 16.40 -6.59 -24.87
N HIS C 222 16.88 -7.23 -25.94
CA HIS C 222 16.25 -8.36 -26.60
C HIS C 222 17.17 -9.56 -26.35
N LYS C 223 17.07 -10.17 -25.14
CA LYS C 223 17.87 -11.35 -24.75
C LYS C 223 17.80 -12.51 -25.77
N PRO C 224 16.62 -12.88 -26.36
CA PRO C 224 16.63 -13.95 -27.39
C PRO C 224 17.63 -13.78 -28.55
N SER C 225 17.96 -12.53 -28.96
CA SER C 225 18.96 -12.33 -30.05
C SER C 225 20.27 -11.74 -29.53
N ASN C 226 20.49 -11.71 -28.21
CA ASN C 226 21.71 -11.12 -27.63
C ASN C 226 21.88 -9.63 -28.03
N THR C 227 20.77 -8.88 -28.11
CA THR C 227 20.78 -7.47 -28.51
C THR C 227 20.50 -6.56 -27.31
N LYS C 228 21.50 -5.77 -26.92
CA LYS C 228 21.45 -4.76 -25.87
C LYS C 228 21.82 -3.41 -26.53
N VAL C 229 20.93 -2.39 -26.37
CA VAL C 229 21.05 -1.06 -26.98
C VAL C 229 20.69 0.03 -25.93
N ASP C 230 21.48 1.11 -25.89
CA ASP C 230 21.17 2.29 -25.09
C ASP C 230 20.96 3.40 -26.11
N LYS C 231 19.82 4.08 -26.06
CA LYS C 231 19.58 5.14 -27.03
CA LYS C 231 19.59 5.15 -27.01
C LYS C 231 19.23 6.45 -26.35
N LYS C 232 20.10 7.45 -26.56
CA LYS C 232 19.87 8.79 -26.03
C LYS C 232 18.86 9.44 -26.99
N VAL C 233 17.78 10.03 -26.43
CA VAL C 233 16.74 10.65 -27.26
C VAL C 233 16.68 12.10 -26.88
N GLU C 234 16.77 12.97 -27.86
CA GLU C 234 16.69 14.40 -27.58
C GLU C 234 16.05 15.18 -28.73
N PRO C 235 15.76 16.50 -28.56
CA PRO C 235 15.17 17.24 -29.66
C PRO C 235 16.11 17.25 -30.84
N LYS C 236 15.53 17.01 -32.03
CA LYS C 236 16.28 17.00 -33.29
C LYS C 236 16.68 18.45 -33.62
N SER C 237 17.94 18.67 -33.98
CA SER C 237 18.42 20.02 -34.34
C SER C 237 18.16 20.34 -35.82
N CYS C 238 17.72 21.59 -36.08
CA CYS C 238 17.44 22.09 -37.43
C CYS C 238 18.66 22.79 -38.02
N ASP D 20 -12.85 -34.41 -14.69
CA ASP D 20 -12.28 -33.08 -14.41
C ASP D 20 -13.34 -32.08 -13.96
N ILE D 21 -12.95 -31.21 -13.01
CA ILE D 21 -13.83 -30.19 -12.41
C ILE D 21 -13.74 -28.89 -13.19
N GLN D 22 -14.88 -28.40 -13.70
CA GLN D 22 -14.94 -27.13 -14.44
C GLN D 22 -15.37 -25.98 -13.52
N LEU D 23 -14.69 -24.83 -13.65
CA LEU D 23 -14.96 -23.59 -12.92
C LEU D 23 -15.36 -22.52 -13.95
N THR D 24 -16.55 -21.95 -13.79
CA THR D 24 -17.09 -20.96 -14.70
C THR D 24 -17.34 -19.70 -13.91
N GLN D 25 -16.66 -18.63 -14.30
CA GLN D 25 -16.74 -17.35 -13.63
C GLN D 25 -17.77 -16.48 -14.28
N SER D 26 -18.38 -15.61 -13.47
CA SER D 26 -19.40 -14.68 -13.93
C SER D 26 -19.30 -13.41 -13.15
N PRO D 27 -19.32 -12.23 -13.81
CA PRO D 27 -19.34 -12.01 -15.28
C PRO D 27 -17.93 -12.18 -15.88
N ASP D 28 -17.76 -11.97 -17.19
CA ASP D 28 -16.45 -12.04 -17.85
C ASP D 28 -15.66 -10.76 -17.60
N SER D 29 -16.36 -9.65 -17.49
CA SER D 29 -15.75 -8.36 -17.19
C SER D 29 -16.78 -7.48 -16.51
N LEU D 30 -16.28 -6.48 -15.77
CA LEU D 30 -17.08 -5.46 -15.07
C LEU D 30 -16.26 -4.24 -14.82
N ALA D 31 -16.95 -3.10 -14.80
CA ALA D 31 -16.39 -1.77 -14.58
C ALA D 31 -17.05 -1.22 -13.33
N VAL D 32 -16.25 -0.88 -12.32
CA VAL D 32 -16.72 -0.47 -11.00
C VAL D 32 -16.00 0.81 -10.60
N SER D 33 -16.74 1.78 -10.02
CA SER D 33 -16.18 3.05 -9.55
C SER D 33 -15.37 2.87 -8.27
N LEU D 34 -14.38 3.75 -8.07
CA LEU D 34 -13.55 3.71 -6.85
C LEU D 34 -14.41 3.95 -5.61
N GLY D 35 -14.14 3.16 -4.57
CA GLY D 35 -14.84 3.23 -3.29
C GLY D 35 -16.10 2.40 -3.24
N GLU D 36 -16.44 1.76 -4.37
CA GLU D 36 -17.62 0.90 -4.52
C GLU D 36 -17.25 -0.55 -4.33
N ARG D 37 -18.26 -1.42 -4.39
CA ARG D 37 -18.18 -2.86 -4.22
C ARG D 37 -18.17 -3.62 -5.56
N ALA D 38 -17.21 -4.54 -5.72
CA ALA D 38 -17.07 -5.40 -6.89
C ALA D 38 -17.39 -6.82 -6.45
N THR D 39 -18.17 -7.55 -7.25
CA THR D 39 -18.60 -8.92 -6.96
C THR D 39 -18.24 -9.81 -8.13
N ILE D 40 -17.57 -10.93 -7.86
CA ILE D 40 -17.12 -11.87 -8.88
C ILE D 40 -17.54 -13.27 -8.48
N ASN D 41 -18.30 -13.94 -9.33
CA ASN D 41 -18.81 -15.29 -9.03
C ASN D 41 -18.02 -16.41 -9.71
N CYS D 42 -17.98 -17.59 -9.08
CA CYS D 42 -17.29 -18.77 -9.60
C CYS D 42 -18.10 -20.01 -9.33
N LYS D 43 -18.57 -20.65 -10.41
CA LYS D 43 -19.37 -21.87 -10.36
C LYS D 43 -18.52 -23.14 -10.57
N SER D 44 -18.49 -24.01 -9.56
CA SER D 44 -17.86 -25.33 -9.57
C SER D 44 -18.83 -26.36 -10.17
N SER D 45 -18.37 -27.18 -11.12
CA SER D 45 -19.16 -28.21 -11.84
C SER D 45 -19.47 -29.45 -10.95
N GLN D 46 -18.74 -29.59 -9.83
CA GLN D 46 -18.90 -30.62 -8.82
C GLN D 46 -18.40 -30.13 -7.47
N SER D 47 -18.76 -30.83 -6.39
CA SER D 47 -18.35 -30.49 -5.02
C SER D 47 -16.86 -30.43 -4.90
N ILE D 48 -16.39 -29.45 -4.15
CA ILE D 48 -14.97 -29.25 -3.83
C ILE D 48 -14.81 -29.19 -2.32
N PHE D 49 -15.85 -29.66 -1.60
CA PHE D 49 -15.88 -29.71 -0.14
C PHE D 49 -14.99 -30.87 0.39
N ARG D 50 -13.88 -30.55 1.07
CA ARG D 50 -13.01 -31.56 1.67
C ARG D 50 -13.48 -31.77 3.12
N THR D 51 -14.26 -32.87 3.34
CA THR D 51 -14.88 -33.24 4.63
C THR D 51 -13.92 -33.16 5.82
N SER D 52 -12.67 -33.62 5.60
CA SER D 52 -11.59 -33.61 6.59
C SER D 52 -11.20 -32.21 7.08
N ARG D 53 -10.99 -31.23 6.15
CA ARG D 53 -10.60 -29.85 6.42
CA ARG D 53 -10.63 -29.91 6.65
C ARG D 53 -11.85 -29.00 6.77
N ASN D 54 -13.06 -29.53 6.49
CA ASN D 54 -14.36 -28.86 6.67
C ASN D 54 -14.48 -27.53 5.87
N LYS D 55 -13.74 -27.48 4.75
CA LYS D 55 -13.66 -26.32 3.85
C LYS D 55 -13.88 -26.72 2.41
N ASN D 56 -14.32 -25.74 1.60
CA ASN D 56 -14.46 -25.89 0.14
C ASN D 56 -13.07 -25.47 -0.34
N LEU D 57 -12.42 -26.32 -1.11
CA LEU D 57 -11.04 -26.01 -1.49
C LEU D 57 -10.98 -25.13 -2.74
N LEU D 58 -11.33 -23.83 -2.55
CA LEU D 58 -11.38 -22.80 -3.60
C LEU D 58 -10.43 -21.66 -3.32
N ASN D 59 -9.62 -21.30 -4.32
CA ASN D 59 -8.63 -20.22 -4.26
C ASN D 59 -9.04 -19.04 -5.17
N TRP D 60 -8.62 -17.82 -4.80
CA TRP D 60 -8.83 -16.57 -5.54
C TRP D 60 -7.50 -15.94 -5.76
N TYR D 61 -7.27 -15.50 -6.98
CA TYR D 61 -6.03 -14.88 -7.41
C TYR D 61 -6.32 -13.56 -8.09
N GLN D 62 -5.39 -12.62 -7.99
CA GLN D 62 -5.41 -11.32 -8.64
C GLN D 62 -4.20 -11.33 -9.59
N GLN D 63 -4.40 -10.93 -10.86
CA GLN D 63 -3.28 -10.81 -11.80
C GLN D 63 -3.34 -9.54 -12.64
N ARG D 64 -2.29 -8.71 -12.52
CA ARG D 64 -2.07 -7.52 -13.35
C ARG D 64 -1.33 -8.08 -14.59
N PRO D 65 -1.75 -7.77 -15.85
CA PRO D 65 -1.15 -8.46 -17.01
C PRO D 65 0.37 -8.35 -17.11
N GLY D 66 1.00 -9.46 -17.51
CA GLY D 66 2.46 -9.58 -17.62
C GLY D 66 3.17 -9.72 -16.28
N GLN D 67 2.40 -9.59 -15.17
CA GLN D 67 2.85 -9.71 -13.79
C GLN D 67 2.44 -11.07 -13.21
N PRO D 68 3.18 -11.63 -12.21
CA PRO D 68 2.78 -12.93 -11.64
C PRO D 68 1.43 -12.88 -10.95
N PRO D 69 0.58 -13.94 -11.04
CA PRO D 69 -0.67 -13.96 -10.26
C PRO D 69 -0.37 -13.93 -8.76
N ARG D 70 -1.25 -13.34 -7.97
CA ARG D 70 -1.06 -13.25 -6.53
C ARG D 70 -2.21 -13.92 -5.79
N LEU D 71 -1.89 -14.82 -4.83
CA LEU D 71 -2.93 -15.55 -4.05
C LEU D 71 -3.61 -14.60 -3.09
N LEU D 72 -4.94 -14.56 -3.15
CA LEU D 72 -5.73 -13.69 -2.29
C LEU D 72 -6.36 -14.48 -1.18
N ILE D 73 -7.08 -15.54 -1.57
CA ILE D 73 -7.89 -16.38 -0.71
C ILE D 73 -7.74 -17.85 -1.05
N HIS D 74 -7.73 -18.69 -0.01
CA HIS D 74 -7.73 -20.15 -0.10
C HIS D 74 -8.82 -20.67 0.85
N TRP D 75 -9.25 -21.93 0.70
CA TRP D 75 -10.32 -22.54 1.51
C TRP D 75 -11.64 -21.75 1.39
N ALA D 76 -11.85 -21.11 0.20
CA ALA D 76 -13.00 -20.29 -0.20
C ALA D 76 -13.15 -18.94 0.55
N SER D 77 -12.74 -18.86 1.85
CA SER D 77 -12.94 -17.64 2.65
C SER D 77 -11.74 -17.23 3.50
N THR D 78 -10.62 -17.95 3.41
CA THR D 78 -9.45 -17.61 4.21
C THR D 78 -8.50 -16.72 3.42
N ARG D 79 -8.41 -15.46 3.85
CA ARG D 79 -7.51 -14.47 3.26
CA ARG D 79 -7.51 -14.48 3.24
C ARG D 79 -6.09 -14.89 3.54
N LYS D 80 -5.16 -14.64 2.60
CA LYS D 80 -3.75 -14.94 2.78
C LYS D 80 -3.24 -13.75 3.64
N SER D 81 -2.25 -13.97 4.50
CA SER D 81 -1.69 -12.92 5.36
C SER D 81 -1.12 -11.75 4.55
N GLY D 82 -1.51 -10.54 4.91
CA GLY D 82 -1.12 -9.32 4.21
C GLY D 82 -2.06 -8.92 3.09
N VAL D 83 -3.08 -9.76 2.82
CA VAL D 83 -4.06 -9.44 1.80
C VAL D 83 -5.02 -8.44 2.47
N PRO D 84 -5.29 -7.27 1.83
CA PRO D 84 -6.23 -6.30 2.43
C PRO D 84 -7.57 -6.91 2.77
N ASP D 85 -8.13 -6.44 3.88
CA ASP D 85 -9.41 -6.83 4.46
C ASP D 85 -10.59 -6.58 3.50
N ARG D 86 -10.39 -5.69 2.49
CA ARG D 86 -11.43 -5.36 1.52
C ARG D 86 -11.73 -6.54 0.61
N PHE D 87 -10.84 -7.55 0.57
CA PHE D 87 -11.05 -8.76 -0.25
C PHE D 87 -11.66 -9.82 0.62
N SER D 88 -12.80 -10.38 0.23
CA SER D 88 -13.38 -11.47 1.01
C SER D 88 -14.06 -12.51 0.14
N GLY D 89 -14.00 -13.74 0.59
CA GLY D 89 -14.58 -14.86 -0.11
C GLY D 89 -15.71 -15.50 0.65
N SER D 90 -16.68 -16.00 -0.10
CA SER D 90 -17.83 -16.68 0.43
C SER D 90 -18.27 -17.69 -0.60
N GLY D 91 -19.16 -18.58 -0.21
CA GLY D 91 -19.69 -19.61 -1.08
C GLY D 91 -20.72 -20.49 -0.42
N PHE D 92 -21.79 -20.78 -1.17
CA PHE D 92 -22.89 -21.66 -0.77
C PHE D 92 -23.08 -22.70 -1.88
N GLY D 93 -22.96 -23.98 -1.49
CA GLY D 93 -23.08 -25.10 -2.41
C GLY D 93 -21.82 -25.21 -3.25
N THR D 94 -21.97 -25.01 -4.59
CA THR D 94 -20.86 -25.03 -5.54
C THR D 94 -20.69 -23.64 -6.22
N ASP D 95 -21.37 -22.61 -5.66
CA ASP D 95 -21.34 -21.22 -6.06
C ASP D 95 -20.46 -20.45 -5.10
N PHE D 96 -19.47 -19.72 -5.62
CA PHE D 96 -18.52 -18.99 -4.80
C PHE D 96 -18.43 -17.56 -5.22
N THR D 97 -18.11 -16.66 -4.30
CA THR D 97 -18.02 -15.26 -4.61
C THR D 97 -16.82 -14.62 -4.00
N LEU D 98 -16.18 -13.76 -4.80
CA LEU D 98 -15.11 -12.88 -4.33
C LEU D 98 -15.78 -11.51 -4.32
N THR D 99 -15.74 -10.84 -3.17
CA THR D 99 -16.27 -9.48 -3.01
C THR D 99 -15.11 -8.57 -2.67
N ILE D 100 -15.06 -7.39 -3.31
CA ILE D 100 -14.06 -6.37 -3.02
C ILE D 100 -14.84 -5.15 -2.64
N THR D 101 -14.78 -4.78 -1.36
CA THR D 101 -15.46 -3.57 -0.90
C THR D 101 -14.48 -2.41 -0.96
N SER D 102 -14.97 -1.15 -1.01
CA SER D 102 -14.13 0.05 -1.04
C SER D 102 -13.02 -0.05 -2.12
N LEU D 103 -13.41 -0.40 -3.36
CA LEU D 103 -12.47 -0.58 -4.48
C LEU D 103 -11.44 0.53 -4.62
N GLN D 104 -10.18 0.15 -4.68
CA GLN D 104 -9.04 1.08 -4.85
C GLN D 104 -8.49 0.93 -6.26
N ALA D 105 -7.83 2.00 -6.74
CA ALA D 105 -7.23 2.10 -8.08
C ALA D 105 -6.27 0.93 -8.38
N GLU D 106 -5.42 0.57 -7.41
CA GLU D 106 -4.44 -0.53 -7.50
C GLU D 106 -5.08 -1.91 -7.61
N ASP D 107 -6.44 -2.02 -7.52
CA ASP D 107 -7.16 -3.30 -7.60
C ASP D 107 -7.51 -3.69 -9.03
N VAL D 108 -7.23 -2.81 -10.02
CA VAL D 108 -7.44 -3.09 -11.45
C VAL D 108 -6.63 -4.37 -11.82
N ALA D 109 -7.32 -5.41 -12.29
CA ALA D 109 -6.70 -6.69 -12.58
C ALA D 109 -7.75 -7.64 -13.15
N ILE D 110 -7.29 -8.86 -13.43
CA ILE D 110 -8.09 -10.01 -13.82
C ILE D 110 -7.99 -10.94 -12.61
N TYR D 111 -9.14 -11.43 -12.18
CA TYR D 111 -9.31 -12.26 -11.01
C TYR D 111 -9.68 -13.67 -11.42
N TYR D 112 -9.01 -14.67 -10.79
CA TYR D 112 -9.23 -16.06 -11.11
C TYR D 112 -9.57 -16.88 -9.89
N CYS D 113 -10.51 -17.81 -10.06
CA CYS D 113 -10.77 -18.81 -9.06
C CYS D 113 -10.04 -20.09 -9.54
N GLN D 114 -9.76 -20.98 -8.58
CA GLN D 114 -9.12 -22.26 -8.85
C GLN D 114 -9.58 -23.24 -7.78
N GLN D 115 -9.79 -24.50 -8.15
CA GLN D 115 -10.07 -25.53 -7.15
C GLN D 115 -8.79 -26.28 -6.85
N TYR D 116 -8.59 -26.62 -5.58
CA TYR D 116 -7.42 -27.34 -5.07
C TYR D 116 -7.93 -28.67 -4.42
N PHE D 117 -9.00 -29.23 -4.99
CA PHE D 117 -9.59 -30.46 -4.48
C PHE D 117 -8.96 -31.72 -5.08
N SER D 118 -8.88 -31.80 -6.41
CA SER D 118 -8.34 -32.96 -7.13
C SER D 118 -7.77 -32.57 -8.52
N PRO D 119 -6.62 -33.14 -8.96
CA PRO D 119 -6.05 -32.76 -10.26
C PRO D 119 -6.86 -33.24 -11.48
N PRO D 120 -6.89 -32.47 -12.60
CA PRO D 120 -6.23 -31.16 -12.80
C PRO D 120 -6.78 -30.07 -11.87
N TYR D 121 -5.88 -29.34 -11.17
CA TYR D 121 -6.23 -28.21 -10.29
C TYR D 121 -6.59 -26.98 -11.15
N THR D 122 -7.75 -27.09 -11.80
CA THR D 122 -8.31 -26.17 -12.78
C THR D 122 -8.64 -24.77 -12.29
N PHE D 123 -8.43 -23.83 -13.20
CA PHE D 123 -8.72 -22.41 -13.02
C PHE D 123 -10.00 -22.10 -13.78
N GLY D 124 -10.72 -21.09 -13.28
CA GLY D 124 -11.84 -20.49 -14.01
C GLY D 124 -11.23 -19.67 -15.11
N GLN D 125 -12.03 -19.20 -16.06
CA GLN D 125 -11.56 -18.44 -17.25
C GLN D 125 -11.08 -17.01 -16.96
N GLY D 126 -11.37 -16.51 -15.75
CA GLY D 126 -10.99 -15.16 -15.35
C GLY D 126 -12.06 -14.12 -15.53
N THR D 127 -11.99 -13.08 -14.71
CA THR D 127 -12.91 -11.96 -14.78
C THR D 127 -12.09 -10.67 -14.77
N LYS D 128 -12.23 -9.87 -15.82
CA LYS D 128 -11.52 -8.60 -15.93
C LYS D 128 -12.22 -7.49 -15.13
N LEU D 129 -11.51 -6.88 -14.17
CA LEU D 129 -12.01 -5.78 -13.37
C LEU D 129 -11.43 -4.45 -13.83
N GLU D 130 -12.29 -3.63 -14.41
CA GLU D 130 -11.96 -2.29 -14.89
C GLU D 130 -12.47 -1.26 -13.91
N ILE D 131 -11.80 -0.11 -13.87
CA ILE D 131 -12.17 1.01 -13.02
C ILE D 131 -12.96 2.03 -13.84
N LYS D 132 -14.18 2.40 -13.38
CA LYS D 132 -14.95 3.48 -14.00
C LYS D 132 -14.41 4.74 -13.31
N ARG D 133 -14.17 5.78 -14.10
CA ARG D 133 -13.71 7.06 -13.58
C ARG D 133 -14.26 8.15 -14.47
N THR D 134 -13.96 9.42 -14.16
CA THR D 134 -14.36 10.58 -14.96
C THR D 134 -13.59 10.61 -16.29
N VAL D 135 -14.15 11.33 -17.26
CA VAL D 135 -13.57 11.51 -18.57
C VAL D 135 -12.24 12.26 -18.41
N ALA D 136 -11.21 11.83 -19.13
CA ALA D 136 -9.90 12.50 -19.15
C ALA D 136 -9.53 12.52 -20.63
N ALA D 137 -9.30 13.72 -21.17
CA ALA D 137 -8.94 13.92 -22.57
C ALA D 137 -7.49 13.50 -22.74
N PRO D 138 -7.14 12.89 -23.90
CA PRO D 138 -5.74 12.54 -24.10
C PRO D 138 -4.92 13.75 -24.42
N SER D 139 -3.64 13.63 -24.15
CA SER D 139 -2.60 14.57 -24.50
C SER D 139 -2.07 13.88 -25.80
N VAL D 140 -1.97 14.62 -26.95
CA VAL D 140 -1.61 14.02 -28.25
C VAL D 140 -0.23 14.48 -28.74
N PHE D 141 0.55 13.54 -29.32
CA PHE D 141 1.89 13.83 -29.83
C PHE D 141 2.15 13.09 -31.12
N ILE D 142 2.77 13.75 -32.09
CA ILE D 142 3.11 13.08 -33.34
C ILE D 142 4.63 12.97 -33.41
N PHE D 143 5.17 11.85 -33.95
CA PHE D 143 6.60 11.66 -34.12
C PHE D 143 6.95 11.30 -35.55
N PRO D 144 7.83 12.09 -36.20
CA PRO D 144 8.25 11.73 -37.56
C PRO D 144 9.18 10.53 -37.58
N PRO D 145 9.32 9.80 -38.71
CA PRO D 145 10.35 8.74 -38.74
C PRO D 145 11.75 9.36 -38.57
N SER D 146 12.68 8.65 -37.94
CA SER D 146 14.05 9.17 -37.78
C SER D 146 14.81 9.01 -39.10
N ASP D 147 15.84 9.85 -39.32
CA ASP D 147 16.71 9.76 -40.50
C ASP D 147 17.36 8.41 -40.57
N GLU D 148 17.78 7.83 -39.42
CA GLU D 148 18.40 6.49 -39.36
C GLU D 148 17.47 5.41 -39.87
N GLN D 149 16.16 5.49 -39.53
CA GLN D 149 15.21 4.49 -40.05
C GLN D 149 15.09 4.63 -41.55
N LEU D 150 14.98 5.86 -42.05
CA LEU D 150 14.84 6.18 -43.48
C LEU D 150 15.95 5.57 -44.33
N LYS D 151 17.16 5.49 -43.78
CA LYS D 151 18.31 4.84 -44.43
C LYS D 151 18.04 3.38 -44.83
N SER D 152 17.20 2.67 -44.05
CA SER D 152 16.87 1.26 -44.21
C SER D 152 15.68 0.94 -45.16
N GLY D 153 15.00 1.96 -45.68
CA GLY D 153 13.92 1.74 -46.64
C GLY D 153 12.49 1.87 -46.15
N THR D 154 12.28 2.06 -44.83
CA THR D 154 10.98 2.14 -44.18
C THR D 154 10.85 3.40 -43.37
N ALA D 155 9.61 3.90 -43.24
CA ALA D 155 9.27 5.09 -42.47
C ALA D 155 8.12 4.72 -41.54
N SER D 156 8.34 4.91 -40.21
CA SER D 156 7.31 4.67 -39.19
C SER D 156 6.94 6.00 -38.64
N VAL D 157 5.65 6.36 -38.70
CA VAL D 157 5.13 7.62 -38.14
C VAL D 157 4.31 7.20 -36.93
N VAL D 158 4.56 7.77 -35.77
CA VAL D 158 3.94 7.37 -34.53
C VAL D 158 3.11 8.51 -34.00
N CYS D 159 1.93 8.19 -33.49
CA CYS D 159 1.01 9.13 -32.85
C CYS D 159 0.71 8.59 -31.48
N LEU D 160 0.89 9.42 -30.47
CA LEU D 160 0.69 9.01 -29.10
C LEU D 160 -0.50 9.73 -28.50
N LEU D 161 -1.33 8.99 -27.74
CA LEU D 161 -2.46 9.50 -26.97
C LEU D 161 -2.13 9.13 -25.54
N ASN D 162 -1.85 10.11 -24.74
CA ASN D 162 -1.42 9.90 -23.39
C ASN D 162 -2.48 10.18 -22.35
N ASN D 163 -2.68 9.18 -21.47
CA ASN D 163 -3.50 9.23 -20.25
C ASN D 163 -4.96 9.71 -20.47
N PHE D 164 -5.75 8.87 -21.14
CA PHE D 164 -7.12 9.22 -21.39
C PHE D 164 -8.11 8.20 -20.82
N TYR D 165 -9.33 8.65 -20.63
CA TYR D 165 -10.44 7.83 -20.17
C TYR D 165 -11.73 8.44 -20.76
N PRO D 166 -12.65 7.63 -21.34
CA PRO D 166 -12.59 6.17 -21.49
C PRO D 166 -11.66 5.73 -22.64
N ARG D 167 -11.51 4.39 -22.79
CA ARG D 167 -10.67 3.70 -23.77
CA ARG D 167 -10.64 3.73 -23.77
C ARG D 167 -11.00 4.07 -25.23
N GLU D 168 -12.30 4.18 -25.54
CA GLU D 168 -12.75 4.51 -26.90
C GLU D 168 -12.14 5.78 -27.43
N ALA D 169 -11.42 5.65 -28.51
CA ALA D 169 -10.75 6.77 -29.15
C ALA D 169 -10.60 6.47 -30.65
N LYS D 170 -10.77 7.50 -31.48
CA LYS D 170 -10.59 7.36 -32.91
C LYS D 170 -9.35 8.14 -33.32
N VAL D 171 -8.42 7.43 -33.94
CA VAL D 171 -7.15 7.96 -34.44
C VAL D 171 -7.19 7.87 -35.97
N GLN D 172 -7.05 9.00 -36.66
CA GLN D 172 -7.06 9.02 -38.12
C GLN D 172 -5.78 9.61 -38.67
N TRP D 173 -5.10 8.88 -39.56
CA TRP D 173 -3.90 9.34 -40.22
C TRP D 173 -4.28 10.02 -41.52
N LYS D 174 -3.65 11.16 -41.82
CA LYS D 174 -3.78 11.84 -43.10
C LYS D 174 -2.42 12.13 -43.66
N VAL D 175 -2.23 11.87 -44.94
CA VAL D 175 -0.99 12.10 -45.68
C VAL D 175 -1.39 12.98 -46.89
N ASP D 176 -0.96 14.26 -46.90
CA ASP D 176 -1.40 15.23 -47.93
C ASP D 176 -2.93 15.11 -48.20
N ASN D 177 -3.75 15.17 -47.12
CA ASN D 177 -5.22 15.15 -47.21
C ASN D 177 -5.88 13.78 -47.37
N ALA D 178 -5.13 12.74 -47.74
CA ALA D 178 -5.66 11.39 -47.96
C ALA D 178 -5.71 10.65 -46.65
N LEU D 179 -6.92 10.28 -46.21
CA LEU D 179 -7.12 9.48 -45.01
C LEU D 179 -6.55 8.12 -45.33
N GLN D 180 -5.65 7.66 -44.47
CA GLN D 180 -4.92 6.39 -44.58
C GLN D 180 -5.72 5.28 -43.96
N SER D 181 -5.71 4.11 -44.57
CA SER D 181 -6.45 2.97 -44.02
C SER D 181 -5.67 1.72 -44.38
N GLY D 182 -5.64 0.73 -43.48
CA GLY D 182 -4.95 -0.53 -43.72
C GLY D 182 -3.43 -0.56 -43.49
N ASN D 183 -2.80 0.61 -43.24
CA ASN D 183 -1.35 0.75 -43.09
C ASN D 183 -0.88 1.29 -41.71
N SER D 184 -1.69 1.08 -40.67
CA SER D 184 -1.36 1.47 -39.31
C SER D 184 -1.74 0.40 -38.32
N GLN D 185 -1.06 0.38 -37.17
CA GLN D 185 -1.39 -0.54 -36.09
C GLN D 185 -1.40 0.25 -34.78
N GLU D 186 -2.35 -0.09 -33.90
CA GLU D 186 -2.49 0.55 -32.60
C GLU D 186 -2.10 -0.40 -31.51
N SER D 187 -1.65 0.15 -30.41
CA SER D 187 -1.32 -0.61 -29.22
C SER D 187 -1.82 0.22 -28.03
N VAL D 188 -2.52 -0.40 -27.10
CA VAL D 188 -3.10 0.27 -25.92
C VAL D 188 -2.51 -0.31 -24.67
N THR D 189 -2.17 0.54 -23.69
CA THR D 189 -1.66 0.02 -22.42
C THR D 189 -2.84 -0.47 -21.56
N GLU D 190 -2.52 -1.26 -20.51
CA GLU D 190 -3.49 -1.72 -19.52
C GLU D 190 -3.90 -0.49 -18.70
N GLN D 191 -5.09 -0.52 -18.11
CA GLN D 191 -5.52 0.61 -17.30
C GLN D 191 -4.47 0.90 -16.20
N ASP D 192 -3.98 2.16 -16.13
CA ASP D 192 -2.96 2.58 -15.18
C ASP D 192 -3.46 2.37 -13.71
N SER D 193 -2.65 1.71 -12.89
CA SER D 193 -3.00 1.43 -11.49
C SER D 193 -3.18 2.68 -10.62
N LYS D 194 -2.57 3.81 -10.98
CA LYS D 194 -2.66 5.06 -10.20
C LYS D 194 -3.83 5.98 -10.64
N ASP D 195 -3.86 6.41 -11.93
CA ASP D 195 -4.90 7.35 -12.40
C ASP D 195 -6.03 6.69 -13.20
N SER D 196 -5.96 5.36 -13.39
CA SER D 196 -6.97 4.54 -14.10
C SER D 196 -7.25 4.97 -15.58
N THR D 197 -6.23 5.56 -16.22
CA THR D 197 -6.35 5.93 -17.64
C THR D 197 -5.66 4.87 -18.50
N TYR D 198 -5.78 5.03 -19.83
CA TYR D 198 -5.16 4.23 -20.86
C TYR D 198 -4.27 5.16 -21.65
N SER D 199 -3.33 4.59 -22.41
CA SER D 199 -2.45 5.32 -23.31
C SER D 199 -2.42 4.50 -24.56
N LEU D 200 -2.28 5.15 -25.71
CA LEU D 200 -2.37 4.47 -26.99
C LEU D 200 -1.32 5.01 -27.92
N SER D 201 -0.70 4.09 -28.69
CA SER D 201 0.17 4.50 -29.78
C SER D 201 -0.45 3.98 -31.07
N SER D 202 -0.36 4.76 -32.15
CA SER D 202 -0.79 4.32 -33.47
C SER D 202 0.43 4.57 -34.34
N THR D 203 0.86 3.53 -35.06
CA THR D 203 2.02 3.61 -35.95
C THR D 203 1.58 3.43 -37.37
N LEU D 204 1.94 4.39 -38.22
CA LEU D 204 1.73 4.40 -39.65
C LEU D 204 3.05 3.95 -40.32
N THR D 205 2.99 2.90 -41.13
CA THR D 205 4.17 2.37 -41.83
C THR D 205 3.98 2.58 -43.33
N LEU D 206 4.96 3.24 -43.96
CA LEU D 206 5.02 3.51 -45.40
C LEU D 206 6.46 3.18 -45.80
N SER D 207 6.68 2.88 -47.10
CA SER D 207 8.02 2.69 -47.67
C SER D 207 8.68 4.06 -47.62
N LYS D 208 10.02 4.11 -47.68
CA LYS D 208 10.78 5.37 -47.73
C LYS D 208 10.35 6.17 -48.98
N ALA D 209 10.21 5.47 -50.12
CA ALA D 209 9.85 6.11 -51.39
C ALA D 209 8.50 6.80 -51.24
N ASP D 210 7.47 6.11 -50.66
CA ASP D 210 6.15 6.72 -50.43
C ASP D 210 6.20 7.84 -49.47
N TYR D 211 7.02 7.69 -48.42
CA TYR D 211 7.19 8.74 -47.44
C TYR D 211 7.74 10.06 -48.04
N GLU D 212 8.71 9.97 -48.95
CA GLU D 212 9.36 11.16 -49.52
C GLU D 212 8.55 11.86 -50.65
N LYS D 213 7.50 11.20 -51.16
CA LYS D 213 6.58 11.72 -52.16
C LYS D 213 5.55 12.71 -51.53
N HIS D 214 5.48 12.78 -50.18
CA HIS D 214 4.46 13.61 -49.54
C HIS D 214 4.98 14.59 -48.54
N LYS D 215 4.17 15.62 -48.25
CA LYS D 215 4.58 16.65 -47.32
C LYS D 215 3.91 16.64 -45.92
N VAL D 216 2.57 16.74 -45.86
CA VAL D 216 1.86 16.89 -44.59
C VAL D 216 1.41 15.52 -44.02
N TYR D 217 1.93 15.22 -42.84
CA TYR D 217 1.65 14.01 -42.05
C TYR D 217 0.90 14.45 -40.83
N ALA D 218 -0.32 13.94 -40.66
CA ALA D 218 -1.19 14.35 -39.59
C ALA D 218 -1.89 13.21 -38.92
N CYS D 219 -2.04 13.34 -37.60
CA CYS D 219 -2.74 12.42 -36.77
C CYS D 219 -3.89 13.22 -36.19
N GLU D 220 -5.15 12.80 -36.44
CA GLU D 220 -6.32 13.46 -35.88
C GLU D 220 -6.98 12.56 -34.86
N VAL D 221 -7.27 13.13 -33.69
CA VAL D 221 -7.79 12.36 -32.58
C VAL D 221 -9.18 12.79 -32.19
N THR D 222 -10.11 11.81 -32.12
CA THR D 222 -11.50 12.01 -31.68
C THR D 222 -11.63 11.28 -30.36
N HIS D 223 -12.07 12.00 -29.33
CA HIS D 223 -12.25 11.43 -28.01
C HIS D 223 -13.30 12.23 -27.27
N GLN D 224 -14.10 11.53 -26.43
CA GLN D 224 -15.15 12.10 -25.61
C GLN D 224 -14.71 13.34 -24.81
N GLY D 225 -13.47 13.30 -24.28
CA GLY D 225 -12.86 14.39 -23.52
C GLY D 225 -12.44 15.60 -24.33
N LEU D 226 -12.46 15.49 -25.67
CA LEU D 226 -12.07 16.63 -26.52
C LEU D 226 -13.34 17.28 -27.07
N SER D 227 -13.49 18.60 -26.92
CA SER D 227 -14.69 19.32 -27.40
C SER D 227 -14.87 19.22 -28.92
N SER D 228 -13.76 19.01 -29.64
CA SER D 228 -13.69 18.74 -31.08
C SER D 228 -12.33 18.08 -31.37
N PRO D 229 -12.17 17.31 -32.47
CA PRO D 229 -10.91 16.58 -32.71
C PRO D 229 -9.63 17.41 -32.70
N VAL D 230 -8.56 16.81 -32.16
CA VAL D 230 -7.27 17.49 -32.09
C VAL D 230 -6.38 16.92 -33.17
N THR D 231 -5.66 17.76 -33.90
CA THR D 231 -4.74 17.31 -34.94
C THR D 231 -3.31 17.73 -34.58
N LYS D 232 -2.38 16.80 -34.65
CA LYS D 232 -0.95 17.07 -34.49
C LYS D 232 -0.37 16.71 -35.81
N SER D 233 0.47 17.58 -36.35
CA SER D 233 1.04 17.32 -37.66
C SER D 233 2.44 17.85 -37.83
N PHE D 234 3.15 17.38 -38.86
CA PHE D 234 4.45 17.92 -39.25
C PHE D 234 4.51 17.92 -40.78
N ASN D 235 5.40 18.73 -41.32
CA ASN D 235 5.70 18.79 -42.74
C ASN D 235 7.05 18.15 -42.88
N ARG D 236 7.13 17.14 -43.74
CA ARG D 236 8.35 16.40 -43.99
C ARG D 236 9.52 17.35 -44.34
N GLY D 237 10.66 17.14 -43.68
CA GLY D 237 11.88 17.90 -43.87
C GLY D 237 11.86 19.35 -43.42
N GLU D 238 10.94 19.73 -42.51
CA GLU D 238 10.88 21.12 -42.05
C GLU D 238 11.76 21.39 -40.84
N CYS D 239 11.48 20.74 -39.68
CA CYS D 239 12.19 20.93 -38.41
C CYS D 239 11.99 22.36 -37.90
#